data_3HE7
#
_entry.id   3HE7
#
_cell.length_a   58.229
_cell.length_b   81.913
_cell.length_c   243.253
_cell.angle_alpha   90.00
_cell.angle_beta   90.00
_cell.angle_gamma   90.00
#
_symmetry.space_group_name_H-M   'P 21 21 21'
#
loop_
_entity.id
_entity.type
_entity.pdbx_description
1 polymer 'Antigen-presenting glycoprotein CD1d1'
2 polymer Beta-2-microglobulin
3 polymer 'Valpha14(mouse variable domain, human constant domain)'
4 polymer 'Vbeta7(mouse variable domain, human constant domain)'
5 branched 2-acetamido-2-deoxy-beta-D-glucopyranose-(1-4)-2-acetamido-2-deoxy-beta-D-glucopyranose
6 non-polymer 2-acetamido-2-deoxy-beta-D-glucopyranose
7 non-polymer N-{(1S,2R,3S)-1-[(ALPHA-D-GALACTOPYRANOSYLOXY)METHYL]-2,3-DIHYDROXYHEPTADECYL}HEXACOSANAMIDE
8 water water
#
loop_
_entity_poly.entity_id
_entity_poly.type
_entity_poly.pdbx_seq_one_letter_code
_entity_poly.pdbx_strand_id
1 'polypeptide(L)'
;SEAQQKNYTFRCLQMSSFANRSWSRTDSVVWLGDLQTHRWSNDSATISFTKPWSQGKLSNQQWEKLQHMFQVYRVSFTRD
IQELVKMMSPKEDYPIEIQLSAGCEMYPGNASESFLHVAFQGKYVVRFWGTSWQTVPGAPSWLDLPIKVLNADQGTSATV
QMLLNDTCPLFVRGLLEAGKSDLEKQEKPVAWLSSVPSSAHGHRQLVCHVSGFYPKPVWVMWMRGDQEQQGTHRGDFLPN
ADETWYLQATLDVEAGEEAGLACRVKHSSLGGQDIILYWGSLHHILDAQKMVWNHRHHHHHH
;
A
2 'polypeptide(L)'
;IQKTPQIQVYSRHPPENGKPNILNCYVTQFHPPHIEIQMLKNGKKIPKVEMSDMSFSKDWSFYILAHTEFTPTETDTYAC
RVKHASMAEPKTVYWDRDM
;
B
3 'polypeptide(L)'
;TQVEQSPQSLVVRQGENSVLQCNYSVTPDNHLRWFKQDTGKGLVSLTVLVDQKDKTSNGRYSATLDKDAKHSTLHITATL
LDDTATYICVVGDRGSALGRLHFGAGTQLIVIPDIQNPDPAVYQLRDSKSSDKSVCLFTDFDSQTNVSQSKDSDVYITDK
CVLDMRSMDFKSNSAVAWSNKSDFACANAFNNSIIPEDTFFPSPESS
;
C
4 'polypeptide(L)'
;DMKVTQMPRYLIKRMGENVLLECGQDMSHETMYWYRQDPGLGLQLIYISYDVDSNSEGDIPKGYRVSRKKREHFSLILDS
AKTNQTSVYFCASSSTGLDTQYFGPGTRLLVLEDLKNVFPPEVAVFEPSEAEISHTQKATLVCLATGFYPDHVELSWWVN
GKEVHSGVCTDPQPLKEQPALNDSRYALSSRLRVSATFWQNPRNHFRCQVQFYGLSENDEWTQDRAKPVTQIVSAEAWGR
AD
;
D
#
loop_
_chem_comp.id
_chem_comp.type
_chem_comp.name
_chem_comp.formula
AGH D-saccharide N-{(1S,2R,3S)-1-[(ALPHA-D-GALACTOPYRANOSYLOXY)METHYL]-2,3-DIHYDROXYHEPTADECYL}HEXACOSANAMIDE 'C50 H99 N O9'
NAG D-saccharide, beta linking 2-acetamido-2-deoxy-beta-D-glucopyranose 'C8 H15 N O6'
#
# COMPACT_ATOMS: atom_id res chain seq x y z
N TYR A 8 37.07 3.96 11.36
CA TYR A 8 36.28 3.95 10.08
C TYR A 8 34.76 4.05 10.31
N THR A 9 34.15 5.07 9.68
CA THR A 9 32.70 5.21 9.66
C THR A 9 32.16 4.86 8.28
N PHE A 10 31.22 3.92 8.25
CA PHE A 10 30.57 3.48 7.02
C PHE A 10 29.17 4.09 6.94
N ARG A 11 28.88 4.79 5.84
CA ARG A 11 27.61 5.49 5.69
C ARG A 11 26.86 5.06 4.43
N CYS A 12 25.57 4.82 4.57
CA CYS A 12 24.67 4.72 3.44
C CYS A 12 23.73 5.92 3.51
N LEU A 13 23.80 6.77 2.49
CA LEU A 13 23.07 8.04 2.52
C LEU A 13 21.99 8.10 1.44
N GLN A 14 20.75 8.28 1.87
CA GLN A 14 19.62 8.36 0.96
C GLN A 14 19.03 9.76 0.94
N MET A 15 18.74 10.25 -0.25
CA MET A 15 18.15 11.57 -0.46
C MET A 15 16.88 11.42 -1.29
N SER A 16 15.74 11.81 -0.70
CA SER A 16 14.47 11.65 -1.37
C SER A 16 13.69 12.96 -1.51
N SER A 17 13.41 13.34 -2.76
CA SER A 17 12.60 14.51 -3.04
C SER A 17 11.19 14.11 -3.45
N PHE A 18 10.21 14.77 -2.83
CA PHE A 18 8.80 14.60 -3.16
C PHE A 18 8.23 15.97 -3.49
N ALA A 19 8.12 16.25 -4.79
CA ALA A 19 7.68 17.59 -5.23
C ALA A 19 6.19 17.75 -5.04
N ASN A 20 5.46 16.73 -5.47
CA ASN A 20 4.01 16.67 -5.37
C ASN A 20 3.61 15.20 -5.41
N ARG A 21 2.30 14.92 -5.45
CA ARG A 21 1.80 13.55 -5.42
C ARG A 21 2.34 12.67 -6.56
N SER A 22 2.65 13.28 -7.70
CA SER A 22 3.06 12.54 -8.90
C SER A 22 4.55 12.71 -9.28
N TRP A 23 5.30 13.44 -8.48
CA TRP A 23 6.73 13.63 -8.75
C TRP A 23 7.60 13.33 -7.54
N SER A 24 8.50 12.37 -7.71
CA SER A 24 9.46 12.00 -6.68
C SER A 24 10.70 11.36 -7.29
N ARG A 25 11.83 11.47 -6.60
CA ARG A 25 13.02 10.74 -6.97
C ARG A 25 13.85 10.46 -5.73
N THR A 26 14.57 9.34 -5.73
CA THR A 26 15.50 9.05 -4.65
C THR A 26 16.81 8.53 -5.21
N ASP A 27 17.87 9.29 -4.98
CA ASP A 27 19.22 8.87 -5.31
C ASP A 27 19.95 8.67 -3.99
N SER A 28 20.82 7.67 -3.96
CA SER A 28 21.64 7.46 -2.78
C SER A 28 23.10 7.19 -3.11
N VAL A 29 23.95 7.38 -2.10
CA VAL A 29 25.40 7.19 -2.19
C VAL A 29 25.91 6.48 -0.93
N VAL A 30 27.09 5.86 -1.04
CA VAL A 30 27.68 5.09 0.07
C VAL A 30 29.16 5.40 0.26
N TRP A 31 29.53 5.75 1.48
CA TRP A 31 30.91 6.10 1.82
C TRP A 31 31.56 5.10 2.78
N LEU A 32 32.84 4.81 2.53
CA LEU A 32 33.68 4.10 3.49
C LEU A 32 34.89 4.98 3.81
N GLY A 33 34.85 5.62 4.97
CA GLY A 33 35.82 6.66 5.32
C GLY A 33 35.50 7.88 4.49
N ASP A 34 36.47 8.36 3.71
CA ASP A 34 36.22 9.43 2.75
C ASP A 34 36.22 8.96 1.29
N LEU A 35 36.02 7.65 1.08
CA LEU A 35 35.93 7.06 -0.25
C LEU A 35 34.52 6.53 -0.59
N GLN A 36 34.01 6.94 -1.74
CA GLN A 36 32.70 6.48 -2.20
C GLN A 36 32.82 5.08 -2.77
N THR A 37 31.93 4.20 -2.33
CA THR A 37 31.95 2.80 -2.74
C THR A 37 30.77 2.46 -3.65
N HIS A 38 29.62 3.09 -3.40
CA HIS A 38 28.41 2.79 -4.17
C HIS A 38 27.63 4.02 -4.61
N ARG A 39 26.94 3.87 -5.75
CA ARG A 39 26.03 4.87 -6.27
C ARG A 39 24.72 4.17 -6.66
N TRP A 40 23.60 4.77 -6.27
CA TRP A 40 22.31 4.29 -6.75
C TRP A 40 21.42 5.43 -7.23
N SER A 41 21.49 5.67 -8.54
CA SER A 41 20.72 6.74 -9.18
C SER A 41 19.26 6.33 -9.40
N ASN A 42 18.35 7.27 -9.18
CA ASN A 42 16.91 7.05 -9.41
C ASN A 42 16.61 6.59 -10.83
N ASP A 43 17.47 6.97 -11.77
CA ASP A 43 17.37 6.55 -13.17
C ASP A 43 17.61 5.05 -13.28
N SER A 44 18.41 4.52 -12.35
CA SER A 44 18.92 3.15 -12.39
C SER A 44 18.12 2.16 -11.53
N ALA A 45 17.92 0.97 -12.05
CA ALA A 45 17.27 -0.11 -11.31
C ALA A 45 18.26 -0.80 -10.38
N THR A 46 19.53 -0.83 -10.77
CA THR A 46 20.56 -1.58 -10.05
C THR A 46 21.51 -0.64 -9.32
N ILE A 47 22.01 -1.10 -8.17
CA ILE A 47 23.06 -0.38 -7.44
C ILE A 47 24.38 -0.53 -8.20
N SER A 48 25.06 0.59 -8.39
CA SER A 48 26.32 0.61 -9.13
C SER A 48 27.49 0.54 -8.16
N PHE A 49 28.47 -0.29 -8.49
CA PHE A 49 29.76 -0.25 -7.81
C PHE A 49 30.50 0.99 -8.29
N THR A 50 31.22 1.64 -7.40
CA THR A 50 32.12 2.72 -7.79
C THR A 50 33.57 2.38 -7.46
N LYS A 51 33.80 1.10 -7.14
CA LYS A 51 35.12 0.52 -6.93
C LYS A 51 35.09 -0.95 -7.32
N PRO A 52 36.26 -1.51 -7.75
CA PRO A 52 36.31 -2.95 -8.02
C PRO A 52 35.93 -3.80 -6.80
N TRP A 53 36.15 -3.27 -5.61
CA TRP A 53 35.91 -4.03 -4.38
C TRP A 53 34.61 -3.69 -3.66
N SER A 54 33.69 -3.03 -4.36
CA SER A 54 32.41 -2.62 -3.77
C SER A 54 31.45 -3.78 -3.45
N GLN A 55 31.73 -4.96 -3.99
CA GLN A 55 30.97 -6.17 -3.65
C GLN A 55 31.38 -6.74 -2.27
N GLY A 56 32.38 -6.12 -1.64
CA GLY A 56 32.88 -6.58 -0.34
C GLY A 56 33.43 -7.99 -0.44
N LYS A 57 33.02 -8.84 0.49
CA LYS A 57 33.39 -10.27 0.43
C LYS A 57 32.18 -11.19 0.22
N LEU A 58 31.11 -10.63 -0.34
CA LEU A 58 29.89 -11.38 -0.64
C LEU A 58 29.97 -12.02 -2.03
N SER A 59 29.38 -13.19 -2.17
CA SER A 59 29.28 -13.85 -3.48
C SER A 59 28.26 -13.13 -4.38
N ASN A 60 28.29 -13.45 -5.67
CA ASN A 60 27.37 -12.85 -6.64
C ASN A 60 25.92 -12.92 -6.21
N GLN A 61 25.44 -14.13 -5.88
CA GLN A 61 24.07 -14.33 -5.42
C GLN A 61 23.84 -13.68 -4.05
N GLN A 62 24.82 -13.79 -3.16
CA GLN A 62 24.74 -13.18 -1.83
C GLN A 62 24.51 -11.67 -1.96
N TRP A 63 25.15 -11.07 -2.96
CA TRP A 63 24.97 -9.65 -3.28
C TRP A 63 23.60 -9.39 -3.87
N GLU A 64 23.19 -10.23 -4.83
CA GLU A 64 21.90 -10.06 -5.51
C GLU A 64 20.71 -10.23 -4.58
N LYS A 65 20.88 -11.06 -3.56
CA LYS A 65 19.88 -11.23 -2.50
C LYS A 65 19.68 -9.91 -1.78
N LEU A 66 20.79 -9.29 -1.38
CA LEU A 66 20.81 -8.02 -0.69
C LEU A 66 20.29 -6.88 -1.58
N GLN A 67 20.60 -6.95 -2.87
CA GLN A 67 20.14 -5.92 -3.82
C GLN A 67 18.63 -5.95 -4.01
N HIS A 68 18.07 -7.14 -4.19
CA HIS A 68 16.63 -7.34 -4.29
C HIS A 68 15.94 -6.74 -3.07
N MET A 69 16.46 -7.07 -1.89
CA MET A 69 15.97 -6.51 -0.64
C MET A 69 15.83 -5.00 -0.73
N PHE A 70 16.86 -4.35 -1.29
CA PHE A 70 16.88 -2.89 -1.45
C PHE A 70 15.93 -2.40 -2.55
N GLN A 71 15.85 -3.16 -3.63
CA GLN A 71 14.93 -2.85 -4.74
C GLN A 71 13.47 -2.78 -4.28
N VAL A 72 13.09 -3.72 -3.39
CA VAL A 72 11.73 -3.74 -2.82
C VAL A 72 11.56 -2.55 -1.88
N TYR A 73 12.62 -2.22 -1.15
CA TYR A 73 12.61 -1.07 -0.24
C TYR A 73 12.33 0.26 -0.94
N ARG A 74 13.06 0.54 -2.02
CA ARG A 74 12.97 1.83 -2.69
C ARG A 74 11.56 2.11 -3.20
N VAL A 75 10.98 1.15 -3.92
CA VAL A 75 9.57 1.22 -4.34
C VAL A 75 8.65 1.40 -3.12
N SER A 76 8.90 0.62 -2.08
CA SER A 76 8.06 0.65 -0.88
C SER A 76 8.15 1.97 -0.14
N PHE A 77 9.38 2.43 0.10
CA PHE A 77 9.63 3.70 0.76
C PHE A 77 8.83 4.81 0.09
N THR A 78 8.95 4.88 -1.24
CA THR A 78 8.31 5.88 -2.07
C THR A 78 6.80 5.90 -1.86
N ARG A 79 6.17 4.74 -1.95
CA ARG A 79 4.72 4.65 -1.76
C ARG A 79 4.32 4.89 -0.30
N ASP A 80 5.11 4.38 0.64
CA ASP A 80 4.78 4.50 2.06
C ASP A 80 4.84 5.95 2.52
N ILE A 81 5.92 6.66 2.18
CA ILE A 81 6.09 8.06 2.57
C ILE A 81 4.89 8.90 2.14
N GLN A 82 4.47 8.74 0.89
CA GLN A 82 3.32 9.49 0.37
C GLN A 82 2.02 9.24 1.13
N GLU A 83 1.93 8.11 1.82
CA GLU A 83 0.80 7.83 2.69
C GLU A 83 0.97 8.52 4.04
N LEU A 84 2.15 8.38 4.65
CA LEU A 84 2.45 9.05 5.91
C LEU A 84 2.21 10.56 5.82
N VAL A 85 2.54 11.13 4.67
CA VAL A 85 2.29 12.55 4.36
C VAL A 85 0.88 13.00 4.73
N LYS A 86 -0.10 12.13 4.50
CA LYS A 86 -1.51 12.45 4.76
C LYS A 86 -1.88 12.60 6.24
N MET A 87 -0.97 12.22 7.14
CA MET A 87 -1.24 12.22 8.58
C MET A 87 -0.55 13.36 9.34
N PRO A 95 6.02 20.05 -0.87
CA PRO A 95 7.42 19.70 -1.16
C PRO A 95 8.12 19.07 0.06
N ILE A 96 8.48 17.80 -0.07
CA ILE A 96 9.02 17.04 1.06
C ILE A 96 10.41 16.50 0.76
N GLU A 97 11.36 16.82 1.64
CA GLU A 97 12.70 16.25 1.58
C GLU A 97 12.93 15.31 2.76
N ILE A 98 13.40 14.11 2.45
CA ILE A 98 13.73 13.11 3.46
C ILE A 98 15.15 12.59 3.23
N GLN A 99 15.95 12.60 4.30
CA GLN A 99 17.32 12.08 4.29
C GLN A 99 17.48 10.95 5.30
N LEU A 100 18.07 9.84 4.84
CA LEU A 100 18.37 8.68 5.69
C LEU A 100 19.87 8.46 5.77
N SER A 101 20.38 8.33 6.99
CA SER A 101 21.77 8.00 7.21
C SER A 101 21.84 6.70 7.96
N ALA A 102 22.31 5.67 7.29
CA ALA A 102 22.38 4.34 7.88
C ALA A 102 23.75 3.73 7.66
N GLY A 103 24.27 3.11 8.70
CA GLY A 103 25.52 2.39 8.61
C GLY A 103 26.01 2.01 9.97
N CYS A 104 27.31 1.76 10.07
CA CYS A 104 27.93 1.42 11.34
C CYS A 104 29.34 1.96 11.45
N GLU A 105 29.84 2.05 12.67
CA GLU A 105 31.21 2.49 12.91
C GLU A 105 31.99 1.29 13.44
N MET A 106 33.08 0.95 12.75
CA MET A 106 33.89 -0.22 13.08
C MET A 106 34.93 0.07 14.17
N TYR A 107 35.25 -0.96 14.95
CA TYR A 107 36.25 -0.85 16.03
C TYR A 107 37.14 -2.09 16.11
N ALA A 111 34.41 -5.75 17.26
CA ALA A 111 33.33 -4.96 17.83
C ALA A 111 32.92 -3.79 16.91
N SER A 112 31.62 -3.49 16.89
CA SER A 112 31.09 -2.37 16.10
C SER A 112 29.81 -1.77 16.70
N GLU A 113 29.38 -0.62 16.16
CA GLU A 113 28.19 0.08 16.60
C GLU A 113 27.45 0.65 15.39
N SER A 114 26.16 0.35 15.27
CA SER A 114 25.38 0.79 14.11
C SER A 114 24.31 1.84 14.45
N PHE A 115 23.73 2.42 13.41
CA PHE A 115 22.81 3.54 13.55
C PHE A 115 21.87 3.64 12.34
N LEU A 116 20.67 4.15 12.57
CA LEU A 116 19.77 4.49 11.49
C LEU A 116 19.06 5.79 11.83
N HIS A 117 19.50 6.89 11.21
CA HIS A 117 18.94 8.20 11.47
C HIS A 117 18.15 8.70 10.26
N VAL A 118 17.01 9.33 10.54
CA VAL A 118 16.16 9.87 9.48
C VAL A 118 15.95 11.36 9.73
N ALA A 119 15.97 12.13 8.65
CA ALA A 119 15.80 13.57 8.74
C ALA A 119 14.64 14.00 7.85
N PHE A 120 13.90 14.99 8.34
CA PHE A 120 12.72 15.48 7.65
C PHE A 120 12.83 16.98 7.47
N GLN A 121 12.71 17.43 6.22
CA GLN A 121 12.90 18.84 5.85
C GLN A 121 14.20 19.39 6.46
N GLY A 122 15.28 18.64 6.29
CA GLY A 122 16.59 19.03 6.80
C GLY A 122 16.80 18.93 8.30
N LYS A 123 15.80 18.39 9.02
CA LYS A 123 15.89 18.24 10.47
C LYS A 123 15.80 16.78 10.92
N TYR A 124 16.77 16.36 11.73
CA TYR A 124 16.82 15.01 12.28
C TYR A 124 15.68 14.80 13.28
N VAL A 125 14.84 13.79 13.01
CA VAL A 125 13.60 13.61 13.76
C VAL A 125 13.32 12.18 14.27
N VAL A 126 13.85 11.17 13.57
CA VAL A 126 13.53 9.78 13.86
C VAL A 126 14.77 8.91 13.76
N ARG A 127 14.96 8.02 14.73
CA ARG A 127 15.97 6.95 14.61
C ARG A 127 15.36 5.57 14.81
N PHE A 128 15.98 4.55 14.21
CA PHE A 128 15.67 3.18 14.56
C PHE A 128 16.58 2.79 15.71
N TRP A 129 15.99 2.36 16.81
CA TRP A 129 16.75 2.05 18.01
C TRP A 129 16.17 0.83 18.72
N GLY A 130 17.00 -0.21 18.83
CA GLY A 130 16.59 -1.46 19.48
C GLY A 130 15.78 -2.35 18.55
N THR A 131 14.47 -2.13 18.52
CA THR A 131 13.55 -2.97 17.75
C THR A 131 12.55 -2.17 16.91
N SER A 132 12.48 -0.86 17.13
CA SER A 132 11.45 -0.02 16.51
C SER A 132 11.91 1.42 16.26
N TRP A 133 11.10 2.19 15.53
CA TRP A 133 11.35 3.60 15.25
C TRP A 133 10.94 4.48 16.42
N GLN A 134 11.84 5.37 16.83
CA GLN A 134 11.57 6.34 17.89
C GLN A 134 11.72 7.75 17.36
N THR A 135 11.00 8.69 17.94
CA THR A 135 11.26 10.09 17.66
C THR A 135 12.32 10.59 18.64
N VAL A 136 13.21 11.45 18.15
CA VAL A 136 14.31 12.01 18.93
C VAL A 136 13.81 13.24 19.69
N PRO A 137 14.34 13.49 20.92
CA PRO A 137 13.85 14.65 21.69
C PRO A 137 13.85 15.96 20.88
N GLY A 138 12.77 16.72 21.00
CA GLY A 138 12.57 17.91 20.18
C GLY A 138 11.95 17.62 18.82
N ALA A 139 11.52 16.38 18.60
CA ALA A 139 10.83 16.01 17.36
C ALA A 139 9.40 16.54 17.37
N PRO A 140 8.88 16.92 16.18
CA PRO A 140 7.51 17.42 16.10
C PRO A 140 6.50 16.29 16.38
N SER A 141 5.46 16.61 17.16
CA SER A 141 4.53 15.61 17.66
C SER A 141 3.60 14.99 16.62
N TRP A 142 3.39 15.66 15.50
CA TRP A 142 2.56 15.10 14.42
C TRP A 142 3.15 13.81 13.83
N LEU A 143 4.39 13.50 14.19
CA LEU A 143 5.03 12.27 13.77
C LEU A 143 4.45 11.04 14.47
N ASP A 144 3.88 11.24 15.66
CA ASP A 144 3.40 10.14 16.51
C ASP A 144 2.54 9.10 15.80
N LEU A 145 1.55 9.58 15.03
CA LEU A 145 0.69 8.68 14.26
C LEU A 145 1.48 7.92 13.20
N PRO A 146 2.09 8.63 12.23
CA PRO A 146 2.93 7.93 11.24
C PRO A 146 3.91 6.92 11.84
N ILE A 147 4.45 7.21 13.02
CA ILE A 147 5.37 6.30 13.70
C ILE A 147 4.63 5.10 14.31
N LYS A 148 3.46 5.34 14.90
CA LYS A 148 2.59 4.27 15.42
C LYS A 148 2.22 3.29 14.31
N VAL A 149 1.91 3.82 13.12
CA VAL A 149 1.58 3.01 11.96
C VAL A 149 2.79 2.20 11.50
N LEU A 150 3.94 2.84 11.57
CA LEU A 150 5.17 2.28 11.03
C LEU A 150 5.69 1.14 11.90
N ASN A 151 5.64 1.35 13.22
CA ASN A 151 6.06 0.35 14.19
C ASN A 151 5.24 -0.93 14.15
N ALA A 152 4.05 -0.84 13.57
CA ALA A 152 3.16 -2.00 13.43
C ALA A 152 3.71 -3.06 12.48
N ASP A 153 4.49 -2.62 11.48
CA ASP A 153 5.06 -3.53 10.50
C ASP A 153 6.21 -4.35 11.10
N GLN A 154 5.86 -5.49 11.70
CA GLN A 154 6.82 -6.34 12.39
C GLN A 154 7.82 -7.02 11.46
N GLY A 155 7.47 -7.15 10.19
CA GLY A 155 8.38 -7.72 9.19
C GLY A 155 9.55 -6.81 8.92
N THR A 156 9.26 -5.52 8.70
CA THR A 156 10.27 -4.49 8.51
C THR A 156 11.17 -4.40 9.75
N SER A 157 10.56 -4.33 10.93
CA SER A 157 11.33 -4.34 12.19
C SER A 157 12.37 -5.43 12.23
N ALA A 158 12.02 -6.61 11.74
CA ALA A 158 12.90 -7.77 11.84
C ALA A 158 14.06 -7.72 10.85
N THR A 159 13.79 -7.26 9.62
CA THR A 159 14.83 -7.16 8.59
C THR A 159 15.78 -6.00 8.86
N VAL A 160 15.27 -4.93 9.46
CA VAL A 160 16.12 -3.81 9.85
C VAL A 160 17.10 -4.25 10.94
N GLN A 161 16.57 -4.85 12.01
CA GLN A 161 17.41 -5.36 13.09
C GLN A 161 18.51 -6.28 12.58
N MET A 162 18.19 -7.03 11.52
CA MET A 162 19.15 -7.94 10.91
C MET A 162 20.25 -7.17 10.17
N LEU A 163 19.85 -6.12 9.44
CA LEU A 163 20.80 -5.27 8.73
C LEU A 163 21.73 -4.55 9.69
N LEU A 164 21.16 -3.89 10.68
CA LEU A 164 21.89 -3.08 11.65
C LEU A 164 22.80 -3.90 12.55
N ASN A 165 22.23 -4.90 13.23
CA ASN A 165 23.02 -5.73 14.16
C ASN A 165 24.04 -6.61 13.44
N ASP A 166 23.66 -7.18 12.31
CA ASP A 166 24.46 -8.27 11.70
C ASP A 166 25.08 -7.97 10.33
N THR A 167 24.23 -7.77 9.33
CA THR A 167 24.68 -7.63 7.94
C THR A 167 25.70 -6.51 7.74
N CYS A 168 25.46 -5.37 8.39
CA CYS A 168 26.34 -4.21 8.25
C CYS A 168 27.77 -4.50 8.77
N PRO A 169 27.91 -4.87 10.07
CA PRO A 169 29.23 -5.28 10.57
C PRO A 169 29.89 -6.35 9.69
N LEU A 170 29.16 -7.41 9.37
CA LEU A 170 29.70 -8.51 8.57
C LEU A 170 30.12 -8.06 7.18
N PHE A 171 29.36 -7.11 6.62
CA PHE A 171 29.67 -6.58 5.29
C PHE A 171 30.92 -5.68 5.34
N VAL A 172 30.92 -4.75 6.29
CA VAL A 172 31.97 -3.75 6.39
C VAL A 172 33.34 -4.39 6.66
N ARG A 173 33.37 -5.41 7.52
CA ARG A 173 34.60 -6.16 7.78
C ARG A 173 35.12 -6.84 6.52
N GLY A 174 34.24 -6.98 5.53
CA GLY A 174 34.61 -7.52 4.22
C GLY A 174 35.08 -6.45 3.25
N LEU A 175 34.43 -5.28 3.31
CA LEU A 175 34.82 -4.13 2.48
C LEU A 175 36.23 -3.66 2.82
N LEU A 176 36.53 -3.56 4.11
CA LEU A 176 37.84 -3.14 4.58
C LEU A 176 38.95 -4.07 4.09
N GLU A 177 38.70 -5.38 4.14
CA GLU A 177 39.68 -6.38 3.74
C GLU A 177 39.91 -6.39 2.23
N ALA A 178 38.84 -6.16 1.47
CA ALA A 178 38.90 -6.13 0.01
C ALA A 178 39.41 -4.79 -0.50
N GLY A 179 39.12 -3.72 0.25
CA GLY A 179 39.56 -2.37 -0.09
C GLY A 179 40.85 -1.94 0.59
N LYS A 180 41.49 -2.88 1.28
CA LYS A 180 42.73 -2.66 2.02
C LYS A 180 43.68 -1.73 1.28
N SER A 181 43.89 -2.04 0.00
CA SER A 181 44.83 -1.34 -0.87
C SER A 181 44.47 0.15 -1.07
N ASP A 182 43.27 0.42 -1.57
CA ASP A 182 42.84 1.79 -1.86
C ASP A 182 42.63 2.64 -0.60
N LEU A 183 42.59 1.98 0.56
CA LEU A 183 42.42 2.70 1.84
C LEU A 183 43.77 3.12 2.40
N GLU A 184 44.80 2.31 2.16
CA GLU A 184 46.14 2.53 2.69
C GLU A 184 47.04 3.35 1.75
N LYS A 185 46.55 3.66 0.55
CA LYS A 185 47.32 4.38 -0.48
C LYS A 185 47.83 5.74 0.01
N GLN A 186 48.95 6.17 -0.57
CA GLN A 186 49.54 7.46 -0.25
C GLN A 186 49.67 8.33 -1.49
N GLU A 187 49.17 9.56 -1.41
CA GLU A 187 49.36 10.56 -2.46
C GLU A 187 50.00 11.82 -1.86
N LYS A 188 51.16 12.20 -2.41
CA LYS A 188 51.95 13.31 -1.88
C LYS A 188 51.27 14.67 -2.07
N PRO A 189 51.32 15.53 -1.04
CA PRO A 189 50.84 16.89 -1.18
C PRO A 189 51.78 17.73 -2.03
N VAL A 190 51.24 18.71 -2.73
CA VAL A 190 52.02 19.72 -3.44
C VAL A 190 51.55 21.10 -2.98
N ALA A 191 52.47 21.86 -2.39
CA ALA A 191 52.16 23.17 -1.84
C ALA A 191 52.63 24.33 -2.73
N TRP A 192 51.97 25.47 -2.61
CA TRP A 192 52.43 26.72 -3.23
C TRP A 192 51.90 27.91 -2.45
N LEU A 193 52.58 29.06 -2.59
CA LEU A 193 52.23 30.26 -1.83
C LEU A 193 51.55 31.35 -2.67
N SER A 194 50.75 32.18 -2.01
CA SER A 194 50.19 33.40 -2.59
C SER A 194 49.72 34.26 -1.42
N SER A 195 49.31 35.50 -1.71
CA SER A 195 48.81 36.36 -0.65
C SER A 195 47.80 37.40 -1.14
N VAL A 196 46.95 37.86 -0.23
CA VAL A 196 45.92 38.84 -0.55
C VAL A 196 45.90 39.96 0.48
N PRO A 197 45.27 41.10 0.13
CA PRO A 197 45.08 42.17 1.11
C PRO A 197 44.24 41.66 2.27
N SER A 198 44.70 41.90 3.48
CA SER A 198 43.91 41.63 4.68
C SER A 198 42.86 42.71 4.79
N SER A 199 41.75 42.41 5.44
CA SER A 199 40.74 43.42 5.69
C SER A 199 41.27 44.55 6.60
N ALA A 200 42.38 44.29 7.29
CA ALA A 200 43.05 45.32 8.08
C ALA A 200 44.08 46.14 7.28
N HIS A 201 44.00 47.46 7.42
CA HIS A 201 44.92 48.39 6.77
C HIS A 201 46.38 48.06 7.07
N GLY A 202 47.19 48.05 6.01
CA GLY A 202 48.62 47.81 6.13
C GLY A 202 48.98 46.39 6.52
N HIS A 203 48.02 45.48 6.36
CA HIS A 203 48.24 44.06 6.62
C HIS A 203 48.02 43.27 5.35
N ARG A 204 48.59 42.07 5.33
CA ARG A 204 48.39 41.13 4.23
C ARG A 204 48.16 39.75 4.80
N GLN A 205 47.38 38.95 4.07
CA GLN A 205 47.12 37.59 4.49
C GLN A 205 47.88 36.63 3.59
N LEU A 206 48.82 35.92 4.19
CA LEU A 206 49.60 34.91 3.47
C LEU A 206 48.75 33.66 3.36
N VAL A 207 48.92 32.94 2.27
CA VAL A 207 48.09 31.77 2.01
C VAL A 207 48.98 30.63 1.56
N CYS A 208 48.88 29.52 2.27
CA CYS A 208 49.64 28.34 1.90
C CYS A 208 48.69 27.28 1.35
N HIS A 209 48.83 26.99 0.06
CA HIS A 209 47.97 26.03 -0.62
C HIS A 209 48.57 24.63 -0.57
N VAL A 210 47.88 23.69 0.07
CA VAL A 210 48.28 22.28 0.08
C VAL A 210 47.23 21.46 -0.69
N SER A 211 47.67 20.72 -1.70
CA SER A 211 46.73 20.04 -2.60
C SER A 211 47.19 18.68 -3.09
N GLY A 212 46.24 17.76 -3.20
CA GLY A 212 46.47 16.46 -3.82
C GLY A 212 46.98 15.37 -2.89
N PHE A 213 46.71 15.50 -1.61
CA PHE A 213 47.20 14.54 -0.62
C PHE A 213 46.16 13.52 -0.16
N TYR A 214 46.63 12.31 0.12
CA TYR A 214 45.82 11.24 0.68
C TYR A 214 46.71 10.32 1.53
N PRO A 215 46.23 9.89 2.72
CA PRO A 215 44.93 10.12 3.36
C PRO A 215 44.71 11.54 3.90
N LYS A 216 43.51 11.76 4.45
CA LYS A 216 43.03 13.08 4.87
C LYS A 216 43.86 13.83 5.93
N PRO A 217 44.30 13.15 7.03
CA PRO A 217 45.04 13.88 8.07
C PRO A 217 46.29 14.61 7.57
N VAL A 218 46.44 15.87 7.96
CA VAL A 218 47.58 16.69 7.55
C VAL A 218 47.93 17.75 8.59
N TRP A 219 49.20 18.16 8.59
CA TRP A 219 49.71 19.20 9.49
C TRP A 219 50.29 20.31 8.64
N VAL A 220 49.70 21.50 8.74
CA VAL A 220 50.16 22.66 7.96
C VAL A 220 50.32 23.87 8.86
N MET A 221 51.55 24.37 8.97
CA MET A 221 51.81 25.57 9.79
C MET A 221 52.72 26.63 9.15
N TRP A 222 52.49 27.88 9.52
CA TRP A 222 53.42 28.95 9.23
C TRP A 222 54.45 29.02 10.34
N MET A 223 55.71 29.18 9.95
CA MET A 223 56.83 29.17 10.89
C MET A 223 57.74 30.38 10.70
N ARG A 224 58.36 30.82 11.80
CA ARG A 224 59.59 31.61 11.76
C ARG A 224 60.68 30.70 12.29
N GLY A 225 61.01 29.68 11.49
CA GLY A 225 61.98 28.66 11.87
C GLY A 225 61.59 27.86 13.11
N ASP A 226 61.88 28.44 14.26
CA ASP A 226 61.67 27.80 15.56
C ASP A 226 60.21 27.80 15.98
N GLN A 227 59.50 28.89 15.68
CA GLN A 227 58.17 29.15 16.25
C GLN A 227 57.02 28.88 15.29
N GLU A 228 56.04 28.11 15.76
CA GLU A 228 54.77 27.95 15.07
C GLU A 228 53.98 29.25 15.23
N GLN A 229 53.54 29.82 14.11
CA GLN A 229 52.83 31.09 14.14
C GLN A 229 51.39 30.93 14.61
N GLN A 230 51.12 31.39 15.82
CA GLN A 230 49.83 31.19 16.49
C GLN A 230 48.63 31.79 15.74
N GLY A 231 48.91 32.69 14.82
CA GLY A 231 47.86 33.30 14.03
C GLY A 231 47.45 32.43 12.87
N THR A 232 48.12 31.29 12.70
CA THR A 232 47.84 30.39 11.60
C THR A 232 46.44 29.86 11.69
N HIS A 233 45.68 30.06 10.62
CA HIS A 233 44.30 29.60 10.57
C HIS A 233 44.14 28.45 9.60
N ARG A 234 43.84 27.28 10.16
CA ARG A 234 43.60 26.06 9.38
C ARG A 234 42.23 26.16 8.70
N GLY A 235 42.22 25.99 7.38
CA GLY A 235 40.98 26.05 6.63
C GLY A 235 40.25 24.72 6.64
N ASP A 236 39.11 24.69 5.97
CA ASP A 236 38.34 23.46 5.80
C ASP A 236 38.94 22.55 4.75
N PHE A 237 38.71 21.25 4.89
CA PHE A 237 39.12 20.30 3.86
C PHE A 237 38.17 20.43 2.67
N LEU A 238 38.74 20.71 1.50
CA LEU A 238 38.00 20.78 0.26
C LEU A 238 38.44 19.62 -0.61
N PRO A 239 37.51 18.93 -1.26
CA PRO A 239 37.86 17.73 -2.01
C PRO A 239 38.34 17.99 -3.44
N ASN A 240 39.14 17.08 -3.97
CA ASN A 240 39.47 17.04 -5.38
C ASN A 240 38.68 15.92 -6.05
N ALA A 241 38.37 16.09 -7.34
CA ALA A 241 37.66 15.09 -8.14
C ALA A 241 38.28 13.70 -8.13
N ASP A 242 39.60 13.62 -8.04
CA ASP A 242 40.30 12.33 -8.06
C ASP A 242 40.48 11.70 -6.67
N GLU A 243 39.60 12.09 -5.74
CA GLU A 243 39.61 11.59 -4.36
C GLU A 243 40.91 11.89 -3.61
N THR A 244 41.36 13.13 -3.72
CA THR A 244 42.47 13.65 -2.92
C THR A 244 42.01 14.95 -2.28
N TRP A 245 42.82 15.50 -1.38
CA TRP A 245 42.37 16.63 -0.57
C TRP A 245 43.13 17.93 -0.78
N TYR A 246 42.44 19.03 -0.46
CA TYR A 246 42.99 20.37 -0.55
C TYR A 246 42.69 21.08 0.76
N LEU A 247 43.68 21.80 1.27
CA LEU A 247 43.55 22.58 2.50
C LEU A 247 44.51 23.76 2.45
N GLN A 248 44.07 24.90 2.96
CA GLN A 248 44.95 26.08 3.01
C GLN A 248 45.03 26.65 4.41
N ALA A 249 46.25 26.95 4.85
CA ALA A 249 46.47 27.68 6.09
C ALA A 249 46.83 29.12 5.75
N THR A 250 46.13 30.05 6.41
CA THR A 250 46.33 31.46 6.15
C THR A 250 47.01 32.14 7.34
N LEU A 251 47.78 33.20 7.07
CA LEU A 251 48.43 33.99 8.12
C LEU A 251 48.38 35.49 7.84
N ASP A 252 47.92 36.25 8.81
CA ASP A 252 47.81 37.69 8.70
C ASP A 252 49.05 38.40 9.25
N VAL A 253 49.89 38.87 8.35
CA VAL A 253 51.12 39.60 8.72
C VAL A 253 50.97 41.09 8.47
N GLU A 254 51.76 41.88 9.21
CA GLU A 254 51.87 43.30 8.93
C GLU A 254 52.82 43.47 7.74
N ALA A 255 52.36 44.18 6.71
CA ALA A 255 53.10 44.32 5.45
C ALA A 255 54.58 44.67 5.65
N GLY A 256 55.45 43.80 5.15
CA GLY A 256 56.89 43.93 5.38
C GLY A 256 57.46 42.80 6.22
N GLU A 257 56.60 42.08 6.93
CA GLU A 257 57.03 41.01 7.84
C GLU A 257 57.00 39.60 7.24
N GLU A 258 56.73 39.52 5.95
CA GLU A 258 56.65 38.23 5.24
C GLU A 258 58.00 37.51 5.20
N ALA A 259 59.06 38.26 4.95
CA ALA A 259 60.41 37.71 4.85
C ALA A 259 60.76 36.99 6.15
N GLY A 260 61.28 35.77 6.00
CA GLY A 260 61.68 34.96 7.14
C GLY A 260 60.64 33.93 7.51
N LEU A 261 59.48 33.99 6.85
CA LEU A 261 58.39 33.06 7.12
C LEU A 261 58.44 31.87 6.19
N ALA A 262 57.89 30.76 6.66
CA ALA A 262 57.82 29.55 5.86
C ALA A 262 56.51 28.84 6.12
N CYS A 263 56.05 28.10 5.12
CA CYS A 263 54.92 27.19 5.30
C CYS A 263 55.45 25.78 5.43
N ARG A 264 55.15 25.13 6.54
CA ARG A 264 55.62 23.77 6.80
C ARG A 264 54.48 22.75 6.72
N VAL A 265 54.66 21.73 5.88
CA VAL A 265 53.63 20.71 5.68
C VAL A 265 54.14 19.32 6.08
N LYS A 266 53.47 18.71 7.04
CA LYS A 266 53.75 17.32 7.44
C LYS A 266 52.62 16.41 6.95
N HIS A 267 52.99 15.25 6.40
CA HIS A 267 52.03 14.29 5.86
C HIS A 267 52.65 12.90 5.75
N SER A 268 51.84 11.88 5.99
CA SER A 268 52.29 10.49 6.06
C SER A 268 52.98 9.96 4.78
N SER A 269 52.73 10.62 3.65
CA SER A 269 53.28 10.18 2.36
C SER A 269 54.74 10.59 2.14
N LEU A 270 55.29 11.38 3.06
CA LEU A 270 56.53 12.12 2.81
C LEU A 270 57.81 11.49 3.36
N GLY A 271 57.68 10.41 4.15
CA GLY A 271 58.75 10.01 5.05
C GLY A 271 58.72 11.02 6.19
N GLY A 272 59.89 11.32 6.75
CA GLY A 272 60.01 12.42 7.70
C GLY A 272 60.24 13.74 6.98
N GLN A 273 60.36 13.67 5.65
CA GLN A 273 60.78 14.81 4.82
C GLN A 273 59.65 15.79 4.56
N ASP A 274 59.46 16.74 5.48
CA ASP A 274 58.40 17.74 5.36
C ASP A 274 58.54 18.64 4.14
N ILE A 275 57.45 19.28 3.75
CA ILE A 275 57.51 20.35 2.77
C ILE A 275 57.69 21.67 3.51
N ILE A 276 58.80 22.34 3.26
CA ILE A 276 58.98 23.70 3.77
C ILE A 276 59.00 24.65 2.55
N LEU A 277 58.17 25.68 2.58
CA LEU A 277 58.18 26.70 1.54
C LEU A 277 58.49 28.08 2.12
N TYR A 278 59.66 28.61 1.76
CA TYR A 278 60.08 29.91 2.25
C TYR A 278 59.54 31.02 1.35
N TRP A 279 59.05 32.10 1.96
CA TRP A 279 58.63 33.27 1.21
C TRP A 279 59.84 34.00 0.63
N GLY A 280 60.19 33.69 -0.62
CA GLY A 280 61.33 34.31 -1.30
C GLY A 280 62.49 33.38 -1.56
N LEU A 282 63.39 32.58 -4.25
CA LEU A 282 63.74 32.15 -5.59
C LEU A 282 62.70 31.20 -6.16
N HIS A 283 62.52 30.06 -5.49
CA HIS A 283 61.48 29.12 -5.87
C HIS A 283 60.12 29.81 -5.83
N HIS A 284 59.89 30.58 -4.76
CA HIS A 284 58.68 31.37 -4.60
C HIS A 284 58.60 32.46 -5.67
N ILE A 285 59.75 33.05 -6.02
CA ILE A 285 59.81 34.13 -7.02
C ILE A 285 59.38 33.65 -8.41
N LEU A 286 59.89 32.48 -8.82
CA LEU A 286 59.56 31.92 -10.13
C LEU A 286 58.10 31.46 -10.22
N ASP A 287 57.59 30.89 -9.13
CA ASP A 287 56.20 30.42 -9.06
C ASP A 287 55.20 31.57 -9.15
N ALA A 288 55.50 32.69 -8.50
CA ALA A 288 54.66 33.88 -8.55
C ALA A 288 54.70 34.56 -9.92
N GLN A 289 55.84 34.46 -10.60
CA GLN A 289 55.99 34.98 -11.96
C GLN A 289 55.19 34.15 -12.98
N LYS A 290 54.78 32.95 -12.58
CA LYS A 290 54.04 32.04 -13.45
C LYS A 290 52.51 32.15 -13.30
N MET A 291 52.06 32.95 -12.33
CA MET A 291 50.62 33.05 -12.04
C MET A 291 50.08 34.49 -11.97
N VAL A 292 50.80 35.42 -12.60
CA VAL A 292 50.39 36.83 -12.69
C VAL A 292 49.08 36.97 -13.48
N TRP A 293 48.25 37.93 -13.06
CA TRP A 293 47.00 38.26 -13.75
C TRP A 293 46.61 39.73 -13.52
N ASN A 294 45.54 40.18 -14.17
CA ASN A 294 45.13 41.59 -14.07
C ASN A 294 44.25 41.93 -12.86
N HIS A 295 43.95 40.93 -12.04
CA HIS A 295 43.19 41.09 -10.78
C HIS A 295 41.71 41.44 -10.95
N ARG A 296 41.07 40.83 -11.93
CA ARG A 296 39.63 40.94 -12.13
C ARG A 296 39.01 39.55 -12.19
N HIS A 297 37.97 39.28 -11.38
CA HIS A 297 37.37 40.22 -10.45
C HIS A 297 37.77 39.75 -9.04
N HIS A 298 38.83 40.34 -8.51
CA HIS A 298 39.57 39.78 -7.37
C HIS A 298 38.76 39.43 -6.11
N HIS A 299 37.97 40.39 -5.59
CA HIS A 299 37.13 40.23 -4.38
C HIS A 299 36.92 41.56 -3.65
N GLN B 2 15.08 26.25 4.05
CA GLN B 2 15.91 26.91 2.99
C GLN B 2 17.27 27.39 3.50
N LYS B 3 18.33 26.76 3.02
CA LYS B 3 19.70 27.18 3.34
C LYS B 3 20.44 27.62 2.07
N THR B 4 21.08 28.80 2.15
CA THR B 4 21.84 29.37 1.05
C THR B 4 23.15 28.60 0.79
N PRO B 5 23.47 28.33 -0.48
CA PRO B 5 24.70 27.62 -0.86
C PRO B 5 25.98 28.40 -0.55
N GLN B 6 27.00 27.70 -0.07
CA GLN B 6 28.37 28.21 -0.04
C GLN B 6 29.05 27.77 -1.32
N ILE B 7 29.77 28.69 -1.96
CA ILE B 7 30.47 28.39 -3.21
C ILE B 7 31.97 28.63 -3.03
N GLN B 8 32.78 27.65 -3.41
CA GLN B 8 34.23 27.75 -3.30
C GLN B 8 34.91 27.27 -4.56
N VAL B 9 35.72 28.15 -5.16
CA VAL B 9 36.38 27.86 -6.42
C VAL B 9 37.89 27.84 -6.25
N TYR B 10 38.51 26.74 -6.66
CA TYR B 10 39.93 26.51 -6.43
C TYR B 10 40.49 25.55 -7.47
N SER B 11 41.71 25.80 -7.94
CA SER B 11 42.34 24.94 -8.93
C SER B 11 42.92 23.67 -8.30
N ARG B 12 43.07 22.63 -9.12
CA ARG B 12 43.57 21.33 -8.69
C ARG B 12 45.08 21.39 -8.48
N HIS B 13 45.77 22.04 -9.41
CA HIS B 13 47.23 22.17 -9.38
C HIS B 13 47.62 23.64 -9.33
N PRO B 14 48.87 23.93 -8.89
CA PRO B 14 49.38 25.30 -8.90
C PRO B 14 49.12 25.98 -10.25
N PRO B 15 48.48 27.17 -10.23
CA PRO B 15 48.22 27.90 -11.47
C PRO B 15 49.49 28.27 -12.22
N GLU B 16 49.53 27.94 -13.51
CA GLU B 16 50.63 28.31 -14.39
C GLU B 16 50.09 28.78 -15.73
N ASN B 17 50.05 30.09 -15.93
CA ASN B 17 49.54 30.66 -17.18
C ASN B 17 50.07 29.92 -18.41
N GLY B 18 49.15 29.36 -19.19
CA GLY B 18 49.51 28.60 -20.38
C GLY B 18 49.40 27.08 -20.23
N LYS B 19 49.58 26.59 -19.00
CA LYS B 19 49.49 25.16 -18.70
C LYS B 19 48.07 24.74 -18.30
N PRO B 20 47.53 23.68 -18.94
CA PRO B 20 46.21 23.16 -18.59
C PRO B 20 46.08 22.72 -17.14
N ASN B 21 44.89 22.89 -16.58
CA ASN B 21 44.59 22.58 -15.19
C ASN B 21 43.14 22.11 -15.05
N ILE B 22 42.75 21.71 -13.84
CA ILE B 22 41.36 21.43 -13.52
C ILE B 22 40.91 22.47 -12.52
N LEU B 23 39.77 23.10 -12.79
CA LEU B 23 39.16 24.04 -11.85
C LEU B 23 38.02 23.35 -11.09
N ASN B 24 38.00 23.53 -9.77
CA ASN B 24 36.96 22.95 -8.91
C ASN B 24 36.00 24.01 -8.39
N CYS B 25 34.70 23.72 -8.53
CA CYS B 25 33.65 24.52 -7.90
C CYS B 25 32.89 23.66 -6.90
N TYR B 26 33.19 23.84 -5.61
CA TYR B 26 32.62 23.05 -4.53
C TYR B 26 31.46 23.80 -3.89
N VAL B 27 30.25 23.25 -4.05
CA VAL B 27 29.05 23.86 -3.49
C VAL B 27 28.57 23.09 -2.25
N THR B 28 28.32 23.81 -1.16
CA THR B 28 27.97 23.17 0.10
C THR B 28 26.82 23.87 0.84
N GLN B 29 26.42 23.28 1.98
CA GLN B 29 25.53 23.89 2.96
C GLN B 29 24.15 24.35 2.45
N PHE B 30 23.68 23.76 1.36
CA PHE B 30 22.39 24.15 0.80
C PHE B 30 21.26 23.15 1.05
N HIS B 31 20.03 23.66 0.98
CA HIS B 31 18.80 22.89 1.15
C HIS B 31 17.66 23.74 0.61
N PRO B 32 16.82 23.19 -0.29
CA PRO B 32 16.73 21.83 -0.85
C PRO B 32 17.87 21.43 -1.79
N PRO B 33 17.99 20.12 -2.10
CA PRO B 33 19.02 19.60 -2.99
C PRO B 33 18.77 19.87 -4.47
N HIS B 34 17.82 20.74 -4.77
CA HIS B 34 17.60 21.16 -6.15
C HIS B 34 18.49 22.35 -6.50
N ILE B 35 19.55 22.07 -7.26
CA ILE B 35 20.59 23.05 -7.57
C ILE B 35 21.02 22.95 -9.04
N GLU B 36 21.28 24.10 -9.65
CA GLU B 36 21.89 24.16 -10.98
C GLU B 36 23.23 24.89 -10.92
N ILE B 37 24.29 24.20 -11.36
CA ILE B 37 25.65 24.72 -11.28
C ILE B 37 26.26 24.92 -12.66
N GLN B 38 26.84 26.10 -12.87
CA GLN B 38 27.50 26.44 -14.12
C GLN B 38 28.93 26.93 -13.92
N MET B 39 29.78 26.67 -14.91
CA MET B 39 31.15 27.18 -14.93
C MET B 39 31.35 28.06 -16.17
N LEU B 40 31.96 29.23 -15.98
CA LEU B 40 32.06 30.21 -17.06
C LEU B 40 33.49 30.64 -17.38
N LYS B 41 33.83 30.64 -18.68
CA LYS B 41 35.07 31.23 -19.19
C LYS B 41 34.70 32.50 -19.96
N ASN B 42 35.09 33.65 -19.40
CA ASN B 42 34.77 34.98 -19.93
C ASN B 42 33.26 35.25 -20.01
N GLY B 43 32.56 34.79 -18.97
CA GLY B 43 31.11 34.98 -18.87
C GLY B 43 30.30 34.09 -19.79
N LYS B 44 30.91 33.04 -20.32
CA LYS B 44 30.21 32.10 -21.19
C LYS B 44 30.28 30.65 -20.67
N LYS B 45 29.19 29.92 -20.88
CA LYS B 45 29.07 28.51 -20.47
C LYS B 45 30.20 27.62 -20.96
N ILE B 46 30.66 26.74 -20.10
CA ILE B 46 31.75 25.82 -20.45
C ILE B 46 31.20 24.44 -20.79
N LYS B 48 31.27 21.27 -21.41
CA LYS B 48 31.07 20.08 -20.60
C LYS B 48 31.76 20.20 -19.24
N VAL B 49 30.94 20.25 -18.20
CA VAL B 49 31.40 20.35 -16.81
C VAL B 49 30.95 19.12 -16.04
N GLU B 50 31.89 18.37 -15.49
CA GLU B 50 31.57 17.14 -14.76
C GLU B 50 31.10 17.41 -13.34
N MET B 51 30.23 16.53 -12.85
CA MET B 51 29.63 16.67 -11.51
C MET B 51 29.85 15.39 -10.72
N SER B 52 30.11 15.52 -9.43
CA SER B 52 30.13 14.36 -8.54
C SER B 52 28.71 14.04 -8.08
N ASP B 53 28.50 12.82 -7.60
CA ASP B 53 27.22 12.45 -7.01
C ASP B 53 26.93 13.38 -5.84
N MET B 54 25.70 13.87 -5.74
CA MET B 54 25.34 14.69 -4.59
C MET B 54 25.33 13.86 -3.31
N SER B 55 25.77 14.48 -2.23
CA SER B 55 25.86 13.84 -0.94
C SER B 55 25.49 14.85 0.14
N PHE B 56 25.56 14.42 1.40
CA PHE B 56 25.35 15.32 2.52
C PHE B 56 26.24 14.90 3.69
N SER B 57 26.42 15.80 4.65
CA SER B 57 27.33 15.60 5.76
C SER B 57 26.61 15.43 7.10
N LYS B 58 27.37 15.24 8.17
CA LYS B 58 26.83 14.95 9.51
C LYS B 58 25.81 15.97 10.03
N ASP B 59 25.92 17.22 9.58
CA ASP B 59 24.94 18.25 9.94
C ASP B 59 23.71 18.26 9.01
N TRP B 60 23.61 17.23 8.16
CA TRP B 60 22.51 17.05 7.19
C TRP B 60 22.53 18.02 6.00
N SER B 61 23.58 18.84 5.92
CA SER B 61 23.72 19.80 4.83
C SER B 61 24.26 19.14 3.57
N PHE B 62 23.77 19.58 2.42
CA PHE B 62 24.15 18.99 1.14
C PHE B 62 25.45 19.54 0.56
N TYR B 63 26.12 18.75 -0.27
CA TYR B 63 27.33 19.19 -0.97
C TYR B 63 27.57 18.46 -2.28
N ILE B 64 28.10 19.20 -3.25
CA ILE B 64 28.38 18.63 -4.57
C ILE B 64 29.62 19.31 -5.18
N LEU B 65 30.42 18.54 -5.91
CA LEU B 65 31.64 19.05 -6.53
C LEU B 65 31.58 19.07 -8.06
N ALA B 66 31.71 20.27 -8.62
CA ALA B 66 31.74 20.46 -10.07
C ALA B 66 33.15 20.85 -10.51
N HIS B 67 33.62 20.22 -11.58
CA HIS B 67 34.97 20.48 -12.09
C HIS B 67 35.03 20.46 -13.61
N THR B 68 35.97 21.23 -14.16
CA THR B 68 36.18 21.29 -15.59
C THR B 68 37.67 21.46 -15.87
N GLU B 69 38.08 21.14 -17.09
CA GLU B 69 39.46 21.38 -17.50
C GLU B 69 39.58 22.77 -18.13
N PHE B 70 40.49 23.58 -17.60
CA PHE B 70 40.71 24.94 -18.07
C PHE B 70 42.18 25.28 -18.18
N THR B 71 42.49 26.33 -18.92
CA THR B 71 43.86 26.81 -19.00
C THR B 71 43.97 28.28 -18.52
N PRO B 72 44.59 28.49 -17.33
CA PRO B 72 44.76 29.82 -16.74
C PRO B 72 45.54 30.79 -17.64
N THR B 73 45.09 32.05 -17.63
CA THR B 73 45.73 33.14 -18.38
C THR B 73 45.71 34.37 -17.46
N GLU B 74 46.41 35.43 -17.84
CA GLU B 74 46.37 36.66 -17.05
C GLU B 74 45.21 37.60 -17.42
N THR B 75 44.48 37.24 -18.48
CA THR B 75 43.34 38.04 -18.95
C THR B 75 42.01 37.28 -18.92
N ASP B 76 42.08 35.97 -19.09
CA ASP B 76 40.87 35.12 -19.11
C ASP B 76 40.24 35.01 -17.73
N THR B 77 38.95 35.34 -17.66
CA THR B 77 38.19 35.26 -16.42
C THR B 77 37.48 33.91 -16.30
N TYR B 78 37.41 33.41 -15.06
CA TYR B 78 36.70 32.18 -14.74
C TYR B 78 35.79 32.35 -13.53
N ALA B 79 34.59 31.77 -13.57
CA ALA B 79 33.62 31.91 -12.49
C ALA B 79 32.60 30.78 -12.40
N CYS B 80 32.08 30.57 -11.20
CA CYS B 80 31.01 29.61 -10.97
C CYS B 80 29.69 30.34 -10.73
N ARG B 81 28.64 29.89 -11.41
CA ARG B 81 27.31 30.48 -11.31
C ARG B 81 26.35 29.42 -10.82
N VAL B 82 25.53 29.78 -9.84
CA VAL B 82 24.69 28.82 -9.12
C VAL B 82 23.25 29.33 -8.94
N LYS B 83 22.28 28.48 -9.30
CA LYS B 83 20.87 28.78 -9.06
C LYS B 83 20.28 27.91 -7.96
N HIS B 84 19.55 28.55 -7.04
CA HIS B 84 18.94 27.85 -5.91
C HIS B 84 17.72 28.62 -5.40
N ALA B 85 16.74 27.89 -4.87
CA ALA B 85 15.50 28.50 -4.39
C ALA B 85 15.70 29.59 -3.33
N SER B 86 16.82 29.51 -2.61
CA SER B 86 17.11 30.45 -1.52
C SER B 86 17.44 31.86 -2.01
N MET B 87 17.79 31.96 -3.29
CA MET B 87 18.27 33.22 -3.87
C MET B 87 17.36 33.70 -4.99
N ALA B 88 17.12 35.01 -5.04
CA ALA B 88 16.29 35.60 -6.09
C ALA B 88 17.02 35.63 -7.43
N GLU B 89 18.32 35.95 -7.38
CA GLU B 89 19.15 35.99 -8.57
C GLU B 89 20.31 35.02 -8.40
N PRO B 90 20.75 34.38 -9.50
CA PRO B 90 21.84 33.39 -9.40
C PRO B 90 23.15 34.03 -8.93
N LYS B 91 23.86 33.38 -8.02
CA LYS B 91 25.12 33.92 -7.52
C LYS B 91 26.31 33.51 -8.39
N THR B 92 27.16 34.48 -8.68
CA THR B 92 28.40 34.25 -9.42
C THR B 92 29.59 34.45 -8.48
N VAL B 93 30.50 33.49 -8.45
CA VAL B 93 31.75 33.64 -7.70
C VAL B 93 32.91 33.36 -8.65
N TYR B 94 33.72 34.39 -8.87
CA TYR B 94 34.87 34.30 -9.77
C TYR B 94 36.03 33.59 -9.10
N TRP B 95 36.81 32.88 -9.88
CA TRP B 95 38.04 32.28 -9.40
C TRP B 95 39.05 33.37 -9.06
N ASP B 96 39.57 33.33 -7.83
CA ASP B 96 40.68 34.18 -7.44
C ASP B 96 41.82 33.32 -6.92
N ARG B 97 42.80 33.07 -7.81
CA ARG B 97 43.96 32.23 -7.51
C ARG B 97 44.72 32.61 -6.23
N ASP B 98 44.72 33.89 -5.89
CA ASP B 98 45.43 34.39 -4.70
C ASP B 98 44.63 34.18 -3.41
N MET B 99 43.33 33.88 -3.56
CA MET B 99 42.47 33.56 -2.42
C MET B 99 42.54 32.07 -2.11
N THR C 1 -5.43 -8.04 -12.25
CA THR C 1 -5.81 -8.95 -11.11
C THR C 1 -4.63 -9.82 -10.66
N GLN C 2 -4.24 -9.65 -9.40
CA GLN C 2 -3.02 -10.28 -8.87
C GLN C 2 -3.28 -11.50 -7.99
N VAL C 3 -4.55 -11.78 -7.70
CA VAL C 3 -4.94 -12.94 -6.88
C VAL C 3 -5.95 -13.79 -7.64
N GLU C 4 -5.59 -15.06 -7.86
CA GLU C 4 -6.46 -16.00 -8.58
C GLU C 4 -6.88 -17.17 -7.69
N GLN C 5 -8.19 -17.44 -7.65
CA GLN C 5 -8.73 -18.55 -6.82
C GLN C 5 -9.25 -19.71 -7.65
N SER C 6 -9.05 -20.91 -7.11
CA SER C 6 -9.24 -22.15 -7.84
C SER C 6 -9.80 -23.24 -6.91
N PRO C 7 -10.88 -23.94 -7.32
CA PRO C 7 -11.71 -23.67 -8.49
C PRO C 7 -12.70 -22.53 -8.22
N GLN C 8 -13.55 -22.22 -9.20
CA GLN C 8 -14.54 -21.15 -9.07
C GLN C 8 -15.68 -21.56 -8.15
N SER C 9 -16.25 -22.73 -8.40
CA SER C 9 -17.26 -23.32 -7.53
C SER C 9 -16.91 -24.75 -7.16
N LEU C 10 -17.36 -25.18 -5.98
CA LEU C 10 -17.10 -26.53 -5.51
C LEU C 10 -18.34 -27.12 -4.83
N VAL C 11 -18.82 -28.23 -5.39
CA VAL C 11 -19.91 -29.00 -4.82
C VAL C 11 -19.35 -30.18 -4.04
N VAL C 12 -19.62 -30.21 -2.73
CA VAL C 12 -19.24 -31.37 -1.90
C VAL C 12 -20.41 -31.94 -1.09
N ARG C 13 -20.39 -33.26 -0.89
CA ARG C 13 -21.37 -33.94 -0.06
C ARG C 13 -21.11 -33.64 1.41
N GLN C 14 -22.17 -33.26 2.13
CA GLN C 14 -22.11 -32.99 3.57
C GLN C 14 -21.30 -34.05 4.29
N GLY C 15 -20.36 -33.61 5.12
CA GLY C 15 -19.54 -34.52 5.89
C GLY C 15 -18.20 -34.87 5.27
N GLU C 16 -18.04 -34.57 3.98
CA GLU C 16 -16.78 -34.78 3.30
C GLU C 16 -15.83 -33.59 3.46
N ASN C 17 -14.62 -33.72 2.89
CA ASN C 17 -13.62 -32.67 2.95
C ASN C 17 -13.53 -31.92 1.62
N SER C 18 -13.21 -30.63 1.71
CA SER C 18 -13.02 -29.80 0.51
C SER C 18 -11.71 -29.00 0.53
N VAL C 19 -11.18 -28.76 -0.67
CA VAL C 19 -9.86 -28.17 -0.86
C VAL C 19 -9.94 -26.96 -1.79
N LEU C 20 -9.58 -25.80 -1.26
CA LEU C 20 -9.61 -24.55 -2.04
C LEU C 20 -8.21 -23.99 -2.25
N GLN C 21 -7.93 -23.54 -3.49
CA GLN C 21 -6.61 -23.04 -3.85
C GLN C 21 -6.60 -21.53 -4.08
N CYS C 22 -5.48 -20.92 -3.69
CA CYS C 22 -5.21 -19.51 -3.96
C CYS C 22 -3.80 -19.33 -4.49
N ASN C 23 -3.69 -18.63 -5.62
CA ASN C 23 -2.40 -18.27 -6.21
C ASN C 23 -2.32 -16.78 -6.43
N TYR C 24 -1.13 -16.21 -6.27
CA TYR C 24 -0.98 -14.76 -6.36
C TYR C 24 0.33 -14.30 -7.00
N SER C 25 0.36 -13.01 -7.36
CA SER C 25 1.54 -12.37 -7.95
C SER C 25 2.04 -11.24 -7.06
N VAL C 26 1.21 -10.86 -6.09
CA VAL C 26 1.49 -9.75 -5.17
C VAL C 26 2.93 -9.77 -4.65
N THR C 27 3.63 -8.65 -4.82
CA THR C 27 4.98 -8.45 -4.29
C THR C 27 5.14 -7.02 -3.75
N PRO C 28 5.68 -6.86 -2.54
CA PRO C 28 6.07 -7.92 -1.60
C PRO C 28 4.82 -8.62 -1.08
N ASP C 29 4.97 -9.84 -0.57
CA ASP C 29 3.83 -10.61 -0.09
C ASP C 29 3.93 -10.85 1.41
N ASN C 30 3.30 -9.98 2.18
CA ASN C 30 3.43 -10.02 3.63
C ASN C 30 2.60 -11.11 4.30
N HIS C 31 1.30 -11.11 4.03
CA HIS C 31 0.36 -12.04 4.66
C HIS C 31 -0.76 -12.49 3.72
N LEU C 32 -1.33 -13.66 4.02
CA LEU C 32 -2.52 -14.14 3.31
C LEU C 32 -3.66 -14.42 4.29
N ARG C 33 -4.80 -13.79 4.06
CA ARG C 33 -6.01 -13.99 4.86
C ARG C 33 -7.05 -14.81 4.10
N TRP C 34 -7.72 -15.72 4.80
CA TRP C 34 -8.90 -16.40 4.25
C TRP C 34 -10.17 -15.86 4.89
N PHE C 35 -11.15 -15.55 4.05
CA PHE C 35 -12.44 -15.01 4.48
C PHE C 35 -13.60 -15.92 4.05
N LYS C 36 -14.66 -15.92 4.87
CA LYS C 36 -15.90 -16.62 4.56
C LYS C 36 -17.04 -15.61 4.41
N GLN C 37 -17.72 -15.63 3.26
CA GLN C 37 -18.86 -14.77 3.03
C GLN C 37 -20.12 -15.55 2.69
N ASP C 38 -21.06 -15.56 3.64
CA ASP C 38 -22.40 -16.14 3.42
C ASP C 38 -23.20 -15.18 2.55
N THR C 39 -24.22 -15.70 1.84
CA THR C 39 -25.11 -14.86 1.03
C THR C 39 -25.77 -13.79 1.91
N GLY C 40 -25.78 -12.54 1.43
CA GLY C 40 -26.38 -11.43 2.15
C GLY C 40 -25.57 -10.93 3.35
N LYS C 41 -24.41 -11.54 3.58
CA LYS C 41 -23.62 -11.23 4.77
C LYS C 41 -22.30 -10.55 4.45
N GLY C 42 -21.65 -10.02 5.48
CA GLY C 42 -20.29 -9.51 5.38
C GLY C 42 -19.29 -10.65 5.35
N LEU C 43 -18.02 -10.30 5.12
CA LEU C 43 -16.93 -11.27 5.17
C LEU C 43 -16.55 -11.50 6.63
N VAL C 44 -16.24 -12.75 6.96
CA VAL C 44 -15.73 -13.09 8.29
C VAL C 44 -14.39 -13.79 8.11
N SER C 45 -13.39 -13.31 8.85
CA SER C 45 -12.05 -13.89 8.79
C SER C 45 -12.00 -15.29 9.37
N LEU C 46 -11.32 -16.19 8.68
CA LEU C 46 -11.14 -17.55 9.15
C LEU C 46 -9.75 -17.74 9.73
N THR C 47 -8.73 -17.26 9.02
CA THR C 47 -7.33 -17.46 9.41
C THR C 47 -6.36 -16.47 8.74
N VAL C 48 -5.23 -16.22 9.38
CA VAL C 48 -4.20 -15.33 8.85
C VAL C 48 -2.86 -16.05 8.79
N LEU C 49 -2.19 -15.99 7.63
CA LEU C 49 -0.92 -16.67 7.41
C LEU C 49 0.18 -15.66 7.12
N VAL C 50 1.30 -15.79 7.84
CA VAL C 50 2.35 -14.75 7.88
C VAL C 50 3.74 -15.24 7.42
N ASP C 51 4.14 -16.42 7.87
CA ASP C 51 5.49 -16.94 7.61
C ASP C 51 5.73 -17.41 6.17
N GLN C 52 7.00 -17.67 5.85
CA GLN C 52 7.42 -18.17 4.55
C GLN C 52 6.80 -19.55 4.26
N LYS C 53 6.93 -20.47 5.21
CA LYS C 53 6.21 -21.75 5.20
C LYS C 53 5.31 -21.76 6.44
N ASP C 54 4.04 -21.42 6.24
CA ASP C 54 3.11 -21.29 7.36
C ASP C 54 1.95 -22.29 7.34
N LYS C 55 1.60 -22.79 8.52
CA LYS C 55 0.45 -23.68 8.71
C LYS C 55 -0.41 -23.14 9.86
N THR C 56 -1.70 -22.93 9.61
CA THR C 56 -2.62 -22.45 10.65
C THR C 56 -3.86 -23.34 10.82
N SER C 57 -4.60 -23.12 11.90
CA SER C 57 -5.81 -23.88 12.22
C SER C 57 -6.88 -23.05 12.93
N ASN C 58 -8.14 -23.27 12.56
CA ASN C 58 -9.28 -22.68 13.26
C ASN C 58 -10.44 -23.67 13.31
N GLY C 59 -10.40 -24.57 14.29
CA GLY C 59 -11.37 -25.65 14.38
C GLY C 59 -11.34 -26.51 13.13
N ARG C 60 -12.43 -26.50 12.39
CA ARG C 60 -12.54 -27.31 11.16
C ARG C 60 -11.80 -26.72 9.95
N TYR C 61 -11.38 -25.46 10.06
CA TYR C 61 -10.60 -24.82 9.00
C TYR C 61 -9.10 -24.89 9.28
N SER C 62 -8.34 -25.21 8.25
CA SER C 62 -6.88 -25.17 8.33
C SER C 62 -6.32 -24.76 6.96
N ALA C 63 -5.21 -24.02 6.99
CA ALA C 63 -4.61 -23.49 5.76
C ALA C 63 -3.09 -23.59 5.77
N THR C 64 -2.50 -23.64 4.57
CA THR C 64 -1.05 -23.59 4.40
C THR C 64 -0.67 -22.43 3.47
N LEU C 65 0.59 -22.00 3.58
CA LEU C 65 1.13 -20.95 2.71
C LEU C 65 2.57 -21.24 2.30
N ASP C 66 2.82 -21.24 1.00
CA ASP C 66 4.16 -21.36 0.45
C ASP C 66 4.46 -20.08 -0.31
N LYS C 67 5.21 -19.19 0.32
CA LYS C 67 5.54 -17.90 -0.28
C LYS C 67 6.46 -18.03 -1.49
N ASP C 68 7.16 -19.16 -1.59
CA ASP C 68 8.03 -19.43 -2.73
C ASP C 68 7.21 -19.73 -3.97
N ALA C 69 6.23 -20.62 -3.83
CA ALA C 69 5.30 -20.93 -4.92
C ALA C 69 4.19 -19.88 -5.02
N LYS C 70 4.17 -18.95 -4.06
CA LYS C 70 3.10 -17.96 -3.90
C LYS C 70 1.74 -18.63 -4.05
N HIS C 71 1.46 -19.53 -3.11
CA HIS C 71 0.30 -20.43 -3.19
C HIS C 71 -0.21 -20.81 -1.80
N SER C 72 -1.52 -20.69 -1.61
CA SER C 72 -2.17 -21.13 -0.36
C SER C 72 -3.27 -22.14 -0.60
N THR C 73 -3.47 -23.02 0.39
CA THR C 73 -4.57 -23.98 0.38
C THR C 73 -5.43 -23.79 1.62
N LEU C 74 -6.74 -23.75 1.44
CA LEU C 74 -7.67 -23.82 2.58
C LEU C 74 -8.31 -25.20 2.62
N HIS C 75 -8.15 -25.88 3.75
CA HIS C 75 -8.78 -27.18 3.99
C HIS C 75 -9.97 -27.03 4.92
N ILE C 76 -11.11 -27.56 4.48
CA ILE C 76 -12.28 -27.70 5.35
C ILE C 76 -12.51 -29.19 5.63
N THR C 77 -12.38 -29.58 6.90
CA THR C 77 -12.58 -30.98 7.32
C THR C 77 -14.03 -31.20 7.76
N ALA C 78 -14.62 -32.31 7.30
CA ALA C 78 -16.00 -32.70 7.63
C ALA C 78 -16.98 -31.53 7.45
N THR C 79 -17.24 -31.19 6.19
CA THR C 79 -18.01 -29.99 5.88
C THR C 79 -19.44 -30.08 6.34
N LEU C 80 -19.88 -29.06 7.07
CA LEU C 80 -21.29 -28.92 7.44
C LEU C 80 -22.07 -28.26 6.30
N LEU C 81 -23.38 -28.12 6.50
CA LEU C 81 -24.23 -27.42 5.56
C LEU C 81 -24.03 -25.92 5.63
N ASP C 82 -23.72 -25.41 6.83
CA ASP C 82 -23.46 -23.99 7.03
C ASP C 82 -22.13 -23.51 6.42
N ASP C 83 -21.39 -24.43 5.81
CA ASP C 83 -20.17 -24.07 5.09
C ASP C 83 -20.44 -23.58 3.67
N THR C 84 -21.73 -23.53 3.30
CA THR C 84 -22.12 -23.01 2.00
C THR C 84 -21.94 -21.49 1.97
N ALA C 85 -20.88 -21.08 1.28
CA ALA C 85 -20.52 -19.67 1.22
C ALA C 85 -19.55 -19.45 0.07
N THR C 86 -19.17 -18.18 -0.12
CA THR C 86 -18.07 -17.83 -0.99
C THR C 86 -16.85 -17.62 -0.11
N TYR C 87 -15.72 -18.17 -0.55
CA TYR C 87 -14.50 -18.16 0.23
C TYR C 87 -13.46 -17.29 -0.46
N ILE C 88 -13.05 -16.24 0.26
CA ILE C 88 -12.26 -15.16 -0.32
C ILE C 88 -10.83 -15.13 0.19
N CYS C 89 -9.88 -15.13 -0.74
CA CYS C 89 -8.45 -15.10 -0.47
C CYS C 89 -7.90 -13.68 -0.64
N VAL C 90 -7.19 -13.18 0.37
CA VAL C 90 -6.69 -11.79 0.37
C VAL C 90 -5.20 -11.71 0.71
N VAL C 91 -4.41 -11.10 -0.18
CA VAL C 91 -2.97 -10.91 0.05
C VAL C 91 -2.65 -9.44 0.31
N GLY C 92 -1.90 -9.19 1.39
CA GLY C 92 -1.43 -7.83 1.71
C GLY C 92 0.04 -7.66 1.42
N ASP C 93 0.39 -6.52 0.83
CA ASP C 93 1.79 -6.22 0.51
C ASP C 93 2.51 -5.39 1.59
N ARG C 94 1.90 -5.32 2.76
CA ARG C 94 2.51 -4.63 3.90
C ARG C 94 2.10 -5.29 5.21
N GLY C 95 2.99 -5.23 6.21
CA GLY C 95 2.70 -5.74 7.54
C GLY C 95 2.00 -4.76 8.46
N SER C 96 1.35 -3.75 7.86
CA SER C 96 0.65 -2.70 8.62
C SER C 96 -0.47 -2.08 7.79
N ALA C 97 -1.19 -1.12 8.38
CA ALA C 97 -2.31 -0.45 7.71
C ALA C 97 -1.93 0.21 6.37
N LEU C 98 -0.65 0.57 6.21
CA LEU C 98 -0.15 1.19 4.97
C LEU C 98 -0.31 0.28 3.75
N GLY C 99 -0.68 -0.97 3.98
CA GLY C 99 -0.67 -1.99 2.94
C GLY C 99 -1.85 -1.99 2.00
N ARG C 100 -1.57 -2.37 0.75
CA ARG C 100 -2.59 -2.57 -0.26
C ARG C 100 -3.07 -4.01 -0.11
N LEU C 101 -4.38 -4.18 -0.02
CA LEU C 101 -4.99 -5.51 0.11
C LEU C 101 -5.62 -5.94 -1.21
N HIS C 102 -5.13 -7.05 -1.75
CA HIS C 102 -5.64 -7.59 -3.01
C HIS C 102 -6.67 -8.69 -2.76
N PHE C 103 -7.90 -8.46 -3.19
CA PHE C 103 -9.02 -9.37 -2.97
C PHE C 103 -9.27 -10.29 -4.17
N GLY C 104 -9.26 -11.60 -3.93
CA GLY C 104 -9.62 -12.56 -4.97
C GLY C 104 -11.11 -12.53 -5.33
N ALA C 105 -11.45 -13.13 -6.45
CA ALA C 105 -12.85 -13.26 -6.88
C ALA C 105 -13.65 -14.18 -5.96
N GLY C 106 -12.99 -15.21 -5.43
CA GLY C 106 -13.61 -16.11 -4.46
C GLY C 106 -14.03 -17.44 -5.04
N THR C 107 -14.02 -18.47 -4.20
CA THR C 107 -14.55 -19.77 -4.57
C THR C 107 -15.93 -19.91 -3.94
N GLN C 108 -16.92 -20.28 -4.74
CA GLN C 108 -18.23 -20.62 -4.19
C GLN C 108 -18.25 -22.10 -3.84
N LEU C 109 -18.43 -22.39 -2.54
CA LEU C 109 -18.57 -23.76 -2.08
C LEU C 109 -20.03 -24.06 -1.79
N ILE C 110 -20.61 -24.97 -2.57
CA ILE C 110 -21.98 -25.43 -2.34
C ILE C 110 -22.01 -26.83 -1.73
N VAL C 111 -22.47 -26.91 -0.48
CA VAL C 111 -22.56 -28.18 0.25
C VAL C 111 -23.97 -28.78 0.16
N ILE C 112 -24.04 -30.02 -0.31
CA ILE C 112 -25.33 -30.69 -0.55
C ILE C 112 -25.62 -31.77 0.51
N PRO C 113 -26.87 -31.82 1.02
CA PRO C 113 -27.22 -32.77 2.08
C PRO C 113 -27.46 -34.17 1.52
N ASP C 114 -27.02 -35.19 2.26
CA ASP C 114 -27.31 -36.56 1.89
C ASP C 114 -28.76 -36.87 2.24
N ILE C 115 -29.58 -37.14 1.23
CA ILE C 115 -30.96 -37.56 1.48
C ILE C 115 -31.09 -39.08 1.30
N GLN C 116 -31.45 -39.76 2.38
CA GLN C 116 -31.38 -41.23 2.47
C GLN C 116 -32.37 -41.99 1.58
N ASN C 117 -33.61 -41.51 1.50
CA ASN C 117 -34.64 -42.15 0.68
C ASN C 117 -35.25 -41.18 -0.31
N PRO C 118 -34.68 -41.11 -1.53
CA PRO C 118 -35.26 -40.26 -2.56
C PRO C 118 -36.71 -40.69 -2.85
N ASP C 119 -37.60 -39.70 -2.95
CA ASP C 119 -39.00 -39.96 -3.24
C ASP C 119 -39.54 -38.91 -4.24
N PRO C 120 -38.92 -38.82 -5.42
CA PRO C 120 -39.20 -37.70 -6.33
C PRO C 120 -40.66 -37.63 -6.76
N ALA C 121 -41.26 -36.44 -6.65
CA ALA C 121 -42.65 -36.22 -7.06
C ALA C 121 -42.90 -34.76 -7.44
N VAL C 122 -43.89 -34.55 -8.31
CA VAL C 122 -44.27 -33.22 -8.74
C VAL C 122 -45.72 -32.97 -8.35
N TYR C 123 -45.92 -32.06 -7.41
CA TYR C 123 -47.28 -31.76 -6.91
C TYR C 123 -47.85 -30.46 -7.44
N GLN C 124 -49.18 -30.43 -7.58
CA GLN C 124 -49.88 -29.21 -7.92
C GLN C 124 -50.58 -28.65 -6.67
N LEU C 125 -50.39 -27.36 -6.42
CA LEU C 125 -50.89 -26.68 -5.21
C LEU C 125 -51.71 -25.47 -5.62
N ARG C 126 -52.71 -25.10 -4.81
CA ARG C 126 -53.63 -24.02 -5.16
C ARG C 126 -53.74 -22.95 -4.09
N ASP C 132 -57.98 -19.35 -9.23
CA ASP C 132 -57.61 -20.35 -10.23
C ASP C 132 -56.09 -20.53 -10.33
N LYS C 133 -55.34 -19.75 -9.57
CA LYS C 133 -53.87 -19.78 -9.60
C LYS C 133 -53.31 -21.04 -8.96
N SER C 134 -52.40 -21.70 -9.68
CA SER C 134 -51.73 -22.86 -9.15
C SER C 134 -50.21 -22.80 -9.31
N VAL C 135 -49.53 -23.77 -8.72
CA VAL C 135 -48.07 -23.79 -8.66
C VAL C 135 -47.61 -25.25 -8.67
N CYS C 136 -46.54 -25.53 -9.39
CA CYS C 136 -45.97 -26.88 -9.42
C CYS C 136 -44.80 -27.02 -8.44
N LEU C 137 -44.75 -28.15 -7.75
CA LEU C 137 -43.72 -28.37 -6.74
C LEU C 137 -42.97 -29.68 -6.96
N PHE C 138 -41.73 -29.57 -7.45
CA PHE C 138 -40.85 -30.72 -7.60
C PHE C 138 -40.13 -30.92 -6.27
N THR C 139 -40.38 -32.05 -5.61
CA THR C 139 -39.85 -32.25 -4.26
C THR C 139 -39.35 -33.67 -3.99
N ASP C 140 -38.57 -33.78 -2.91
CA ASP C 140 -38.05 -35.05 -2.39
C ASP C 140 -37.09 -35.80 -3.32
N PHE C 141 -36.55 -35.09 -4.31
CA PHE C 141 -35.52 -35.64 -5.19
C PHE C 141 -34.16 -35.59 -4.50
N ASP C 142 -33.20 -36.37 -5.01
CA ASP C 142 -31.88 -36.45 -4.39
C ASP C 142 -31.02 -35.26 -4.78
N SER C 143 -30.00 -34.98 -3.95
CA SER C 143 -29.19 -33.78 -4.07
C SER C 143 -28.34 -33.72 -5.35
N GLN C 144 -28.17 -34.86 -6.02
CA GLN C 144 -27.38 -34.93 -7.24
C GLN C 144 -28.13 -34.35 -8.46
N THR C 145 -29.44 -34.14 -8.30
CA THR C 145 -30.30 -33.62 -9.37
C THR C 145 -30.25 -32.09 -9.46
N ASN C 146 -29.97 -31.60 -10.67
CA ASN C 146 -30.00 -30.16 -10.96
C ASN C 146 -31.32 -29.71 -11.58
N VAL C 147 -31.89 -28.64 -11.03
CA VAL C 147 -33.12 -28.07 -11.55
C VAL C 147 -32.78 -27.02 -12.62
N SER C 148 -33.09 -27.36 -13.87
CA SER C 148 -32.82 -26.47 -14.99
C SER C 148 -33.73 -25.24 -15.05
N GLN C 149 -33.22 -24.18 -15.65
CA GLN C 149 -33.98 -22.96 -15.86
C GLN C 149 -34.99 -23.16 -16.99
N SER C 150 -35.98 -22.29 -17.06
CA SER C 150 -36.97 -22.31 -18.12
C SER C 150 -36.40 -21.85 -19.46
N LYS C 151 -36.78 -22.56 -20.52
CA LYS C 151 -36.49 -22.15 -21.89
C LYS C 151 -37.70 -21.41 -22.49
N ASP C 152 -38.75 -21.27 -21.68
CA ASP C 152 -40.02 -20.67 -22.10
C ASP C 152 -40.22 -19.32 -21.43
N SER C 153 -40.64 -18.33 -22.22
CA SER C 153 -40.85 -16.95 -21.76
C SER C 153 -41.85 -16.84 -20.61
N ASP C 154 -42.88 -17.68 -20.64
CA ASP C 154 -44.00 -17.55 -19.72
C ASP C 154 -43.94 -18.54 -18.54
N VAL C 155 -42.96 -19.43 -18.57
CA VAL C 155 -42.74 -20.37 -17.46
C VAL C 155 -41.61 -19.87 -16.56
N TYR C 156 -41.83 -19.93 -15.26
CA TYR C 156 -40.83 -19.52 -14.27
C TYR C 156 -40.47 -20.70 -13.38
N ILE C 157 -39.17 -20.93 -13.21
CA ILE C 157 -38.67 -22.04 -12.41
C ILE C 157 -37.53 -21.57 -11.49
N THR C 158 -37.71 -21.77 -10.18
CA THR C 158 -36.69 -21.44 -9.19
C THR C 158 -35.68 -22.58 -9.08
N ASP C 159 -34.56 -22.34 -8.40
CA ASP C 159 -33.56 -23.38 -8.19
C ASP C 159 -33.96 -24.33 -7.04
N LYS C 160 -33.20 -25.42 -6.89
CA LYS C 160 -33.43 -26.35 -5.79
C LYS C 160 -33.17 -25.65 -4.45
N CYS C 161 -33.70 -26.21 -3.37
CA CYS C 161 -33.65 -25.58 -2.05
C CYS C 161 -33.89 -26.60 -0.93
N VAL C 162 -32.96 -26.64 0.02
CA VAL C 162 -32.98 -27.62 1.11
C VAL C 162 -33.72 -27.06 2.31
N LEU C 163 -34.70 -27.80 2.80
CA LEU C 163 -35.35 -27.46 4.07
C LEU C 163 -35.19 -28.57 5.12
N ASP C 164 -35.13 -28.15 6.39
CA ASP C 164 -34.86 -29.06 7.50
C ASP C 164 -36.06 -29.10 8.45
N MET C 165 -36.72 -30.25 8.50
CA MET C 165 -37.78 -30.47 9.49
C MET C 165 -37.11 -30.96 10.76
N ARG C 166 -36.67 -30.00 11.58
CA ARG C 166 -35.76 -30.25 12.70
C ARG C 166 -36.18 -31.36 13.65
N SER C 167 -37.45 -31.38 14.04
CA SER C 167 -37.97 -32.38 14.97
C SER C 167 -38.03 -33.80 14.37
N MET C 168 -37.79 -33.89 13.07
CA MET C 168 -37.92 -35.16 12.35
C MET C 168 -36.57 -35.69 11.88
N ASP C 169 -35.53 -34.86 11.98
CA ASP C 169 -34.23 -35.13 11.38
C ASP C 169 -34.41 -35.48 9.90
N PHE C 170 -35.20 -34.66 9.21
CA PHE C 170 -35.54 -34.90 7.83
C PHE C 170 -35.24 -33.64 7.00
N LYS C 171 -34.44 -33.81 5.96
CA LYS C 171 -34.09 -32.75 5.02
C LYS C 171 -34.62 -33.08 3.64
N SER C 172 -35.05 -32.08 2.87
CA SER C 172 -35.54 -32.31 1.51
C SER C 172 -35.26 -31.16 0.53
N ASN C 173 -34.99 -31.53 -0.72
CA ASN C 173 -34.84 -30.59 -1.82
C ASN C 173 -36.20 -30.31 -2.47
N SER C 174 -36.37 -29.09 -2.96
CA SER C 174 -37.60 -28.72 -3.67
C SER C 174 -37.41 -27.51 -4.60
N ALA C 175 -38.07 -27.55 -5.75
CA ALA C 175 -38.13 -26.40 -6.66
C ALA C 175 -39.58 -26.13 -7.02
N VAL C 176 -39.88 -24.89 -7.41
CA VAL C 176 -41.24 -24.48 -7.75
C VAL C 176 -41.29 -23.97 -9.19
N ALA C 177 -42.38 -24.26 -9.89
CA ALA C 177 -42.60 -23.73 -11.25
C ALA C 177 -44.03 -23.21 -11.42
N TRP C 178 -44.19 -22.17 -12.23
CA TRP C 178 -45.51 -21.59 -12.51
C TRP C 178 -45.54 -20.90 -13.86
N SER C 179 -46.74 -20.60 -14.35
CA SER C 179 -46.91 -20.01 -15.68
C SER C 179 -48.19 -19.18 -15.79
N ASN C 180 -48.48 -18.74 -17.02
CA ASN C 180 -49.79 -18.17 -17.37
C ASN C 180 -50.33 -18.85 -18.62
N LYS C 181 -49.64 -19.89 -19.07
CA LYS C 181 -50.04 -20.68 -20.22
C LYS C 181 -51.29 -21.50 -19.90
N SER C 182 -52.05 -21.83 -20.95
CA SER C 182 -53.24 -22.68 -20.81
C SER C 182 -52.88 -24.11 -20.40
N ALA C 185 -49.55 -27.35 -17.12
CA ALA C 185 -49.44 -28.79 -16.83
C ALA C 185 -48.14 -29.15 -16.09
N CYS C 186 -48.25 -29.35 -14.78
CA CYS C 186 -47.13 -29.70 -13.91
C CYS C 186 -46.40 -30.98 -14.31
N ALA C 187 -47.12 -31.92 -14.91
CA ALA C 187 -46.55 -33.21 -15.26
C ALA C 187 -45.31 -33.06 -16.14
N ASN C 188 -45.25 -31.98 -16.90
CA ASN C 188 -44.15 -31.70 -17.80
C ASN C 188 -43.36 -30.42 -17.49
N ALA C 189 -43.72 -29.75 -16.39
CA ALA C 189 -43.16 -28.45 -16.01
C ALA C 189 -41.64 -28.41 -15.90
N PHE C 190 -41.04 -29.53 -15.51
CA PHE C 190 -39.61 -29.59 -15.20
C PHE C 190 -38.82 -30.45 -16.20
N ASN C 191 -39.39 -30.66 -17.38
CA ASN C 191 -38.77 -31.55 -18.37
C ASN C 191 -37.39 -31.13 -18.88
N ASN C 192 -37.04 -29.87 -18.66
CA ASN C 192 -35.70 -29.36 -18.97
C ASN C 192 -34.64 -29.95 -18.04
N SER C 193 -35.06 -30.46 -16.89
CA SER C 193 -34.17 -31.15 -15.97
C SER C 193 -34.12 -32.64 -16.27
N ILE C 194 -33.15 -33.31 -15.65
CA ILE C 194 -33.07 -34.76 -15.70
C ILE C 194 -33.98 -35.30 -14.61
N ILE C 195 -35.10 -35.88 -15.05
CA ILE C 195 -36.14 -36.34 -14.13
C ILE C 195 -35.92 -37.82 -13.78
N PRO C 196 -35.84 -38.13 -12.47
CA PRO C 196 -35.64 -39.50 -11.99
C PRO C 196 -36.65 -40.44 -12.62
N GLU C 197 -36.24 -41.68 -12.86
CA GLU C 197 -37.10 -42.64 -13.57
C GLU C 197 -38.39 -42.98 -12.81
N ASP C 198 -38.33 -42.89 -11.48
CA ASP C 198 -39.48 -43.19 -10.63
C ASP C 198 -40.05 -41.95 -9.95
N THR C 199 -40.24 -40.88 -10.73
CA THR C 199 -40.87 -39.68 -10.23
C THR C 199 -42.38 -39.86 -10.24
N PHE C 200 -43.01 -39.62 -9.09
CA PHE C 200 -44.45 -39.66 -8.95
C PHE C 200 -45.08 -38.42 -9.57
N PHE C 201 -45.95 -38.64 -10.57
CA PHE C 201 -46.72 -37.56 -11.21
C PHE C 201 -48.22 -37.79 -10.99
N PRO C 202 -48.76 -37.34 -9.85
CA PRO C 202 -50.18 -37.60 -9.59
C PRO C 202 -51.04 -36.82 -10.56
N SER C 203 -52.11 -37.44 -11.04
CA SER C 203 -53.03 -36.81 -11.98
C SER C 203 -53.98 -35.86 -11.23
N PRO C 204 -54.19 -34.66 -11.78
CA PRO C 204 -55.05 -33.65 -11.16
C PRO C 204 -56.50 -34.10 -11.04
N MET D 2 -16.41 -7.72 19.32
CA MET D 2 -17.78 -7.34 18.86
C MET D 2 -17.84 -7.14 17.34
N LYS D 3 -19.05 -6.87 16.84
CA LYS D 3 -19.31 -6.73 15.41
C LYS D 3 -18.96 -5.36 14.83
N VAL D 4 -19.35 -5.12 13.59
CA VAL D 4 -19.26 -3.80 12.95
C VAL D 4 -20.66 -3.37 12.49
N THR D 5 -21.07 -2.19 12.94
CA THR D 5 -22.37 -1.61 12.60
C THR D 5 -22.34 -0.94 11.22
N GLN D 6 -23.47 -0.99 10.54
CA GLN D 6 -23.62 -0.40 9.22
C GLN D 6 -25.11 -0.16 8.95
N MET D 7 -25.50 1.11 8.83
CA MET D 7 -26.90 1.47 8.56
C MET D 7 -27.01 2.62 7.56
N PRO D 8 -28.03 2.61 6.67
CA PRO D 8 -29.17 1.69 6.56
C PRO D 8 -28.85 0.41 5.80
N ARG D 9 -29.78 -0.55 5.83
CA ARG D 9 -29.60 -1.86 5.21
C ARG D 9 -29.92 -1.80 3.73
N TYR D 10 -31.02 -1.14 3.40
CA TYR D 10 -31.44 -0.97 2.01
C TYR D 10 -31.73 0.50 1.76
N LEU D 11 -31.41 0.96 0.56
CA LEU D 11 -31.61 2.36 0.21
C LEU D 11 -31.90 2.52 -1.27
N ILE D 12 -32.95 3.27 -1.58
CA ILE D 12 -33.24 3.67 -2.96
C ILE D 12 -33.17 5.19 -3.06
N LYS D 13 -32.32 5.66 -3.96
CA LYS D 13 -32.17 7.09 -4.24
C LYS D 13 -32.38 7.43 -5.72
N ARG D 14 -32.76 8.67 -5.97
CA ARG D 14 -32.86 9.19 -7.33
C ARG D 14 -31.52 9.76 -7.76
N MET D 15 -31.26 9.78 -9.06
CA MET D 15 -30.06 10.38 -9.63
C MET D 15 -29.80 11.80 -9.15
N GLY D 16 -28.56 12.05 -8.73
CA GLY D 16 -28.14 13.37 -8.28
C GLY D 16 -28.68 13.76 -6.93
N GLU D 17 -28.64 12.83 -5.97
CA GLU D 17 -29.05 13.11 -4.60
C GLU D 17 -27.91 12.79 -3.63
N ASN D 18 -27.82 13.56 -2.55
CA ASN D 18 -26.84 13.29 -1.49
C ASN D 18 -27.14 11.98 -0.78
N VAL D 19 -26.15 11.10 -0.77
CA VAL D 19 -26.27 9.80 -0.12
C VAL D 19 -25.27 9.72 1.04
N LEU D 20 -25.79 9.57 2.25
CA LEU D 20 -24.95 9.37 3.43
C LEU D 20 -25.08 7.93 3.93
N LEU D 21 -23.98 7.19 3.85
CA LEU D 21 -23.90 5.83 4.40
C LEU D 21 -23.09 5.83 5.70
N GLU D 22 -23.74 5.48 6.80
CA GLU D 22 -23.10 5.50 8.12
C GLU D 22 -22.50 4.14 8.47
N CYS D 23 -21.60 4.15 9.44
CA CYS D 23 -20.90 2.96 9.90
C CYS D 23 -20.35 3.15 11.30
N GLY D 24 -20.31 2.07 12.08
CA GLY D 24 -19.85 2.13 13.47
C GLY D 24 -19.15 0.88 13.96
N GLN D 25 -18.24 1.06 14.92
CA GLN D 25 -17.56 -0.05 15.60
C GLN D 25 -17.17 0.37 17.01
N ASP D 26 -17.24 -0.55 17.95
CA ASP D 26 -16.99 -0.24 19.36
C ASP D 26 -15.70 -0.83 19.91
N MET D 27 -14.90 -1.43 19.03
CA MET D 27 -13.62 -2.01 19.42
C MET D 27 -12.54 -0.95 19.53
N SER D 28 -12.90 0.29 19.17
CA SER D 28 -12.02 1.45 19.20
C SER D 28 -10.82 1.26 18.27
N HIS D 29 -11.09 0.66 17.11
CA HIS D 29 -10.07 0.44 16.08
C HIS D 29 -9.69 1.74 15.40
N GLU D 30 -8.43 1.85 14.99
CA GLU D 30 -7.94 3.05 14.32
C GLU D 30 -8.26 3.00 12.83
N THR D 31 -7.97 1.86 12.21
CA THR D 31 -8.11 1.71 10.78
C THR D 31 -9.54 1.34 10.42
N MET D 32 -10.12 2.11 9.49
CA MET D 32 -11.44 1.78 8.95
C MET D 32 -11.49 1.92 7.43
N TYR D 33 -12.33 1.10 6.80
CA TYR D 33 -12.35 0.96 5.34
C TYR D 33 -13.76 1.11 4.75
N TRP D 34 -13.82 1.47 3.47
CA TRP D 34 -15.07 1.46 2.71
C TRP D 34 -14.87 0.71 1.40
N TYR D 35 -15.67 -0.32 1.18
CA TYR D 35 -15.58 -1.13 -0.02
C TYR D 35 -16.92 -1.14 -0.75
N ARG D 36 -16.88 -1.60 -1.99
CA ARG D 36 -18.10 -1.96 -2.71
C ARG D 36 -17.85 -3.27 -3.42
N GLN D 37 -18.85 -4.14 -3.38
CA GLN D 37 -18.74 -5.46 -3.97
C GLN D 37 -19.69 -5.55 -5.15
N ASP D 38 -19.15 -5.95 -6.30
CA ASP D 38 -19.94 -6.05 -7.53
C ASP D 38 -19.81 -7.42 -8.18
N PRO D 39 -20.94 -7.96 -8.71
CA PRO D 39 -21.00 -9.28 -9.33
C PRO D 39 -19.69 -9.70 -9.98
N GLY D 40 -19.07 -10.73 -9.42
CA GLY D 40 -17.86 -11.34 -9.98
C GLY D 40 -16.59 -10.51 -9.87
N LEU D 41 -16.75 -9.18 -9.77
CA LEU D 41 -15.62 -8.25 -9.84
C LEU D 41 -14.75 -8.28 -8.59
N GLY D 42 -15.39 -8.36 -7.42
CA GLY D 42 -14.65 -8.43 -6.16
C GLY D 42 -14.75 -7.14 -5.37
N LEU D 43 -14.04 -7.10 -4.24
CA LEU D 43 -14.06 -5.93 -3.38
C LEU D 43 -13.08 -4.87 -3.87
N GLN D 44 -13.59 -3.65 -3.98
CA GLN D 44 -12.79 -2.52 -4.40
C GLN D 44 -12.76 -1.47 -3.30
N LEU D 45 -11.56 -1.08 -2.89
CA LEU D 45 -11.42 -0.06 -1.85
C LEU D 45 -11.76 1.33 -2.36
N ILE D 46 -12.64 2.00 -1.64
CA ILE D 46 -13.07 3.35 -1.99
C ILE D 46 -12.24 4.36 -1.21
N TYR D 47 -12.16 4.17 0.10
CA TYR D 47 -11.44 5.08 0.99
C TYR D 47 -10.98 4.32 2.23
N ILE D 48 -9.82 4.71 2.75
CA ILE D 48 -9.32 4.19 4.01
C ILE D 48 -9.19 5.35 5.00
N SER D 49 -9.21 5.05 6.29
CA SER D 49 -8.96 6.04 7.31
C SER D 49 -8.02 5.44 8.35
N TYR D 50 -6.98 6.18 8.70
CA TYR D 50 -5.96 5.67 9.62
C TYR D 50 -6.26 6.08 11.05
N ASP D 51 -7.07 7.13 11.19
CA ASP D 51 -7.54 7.64 12.48
C ASP D 51 -8.44 8.82 12.17
N VAL D 52 -8.76 9.60 13.21
CA VAL D 52 -9.63 10.77 13.06
C VAL D 52 -8.97 11.78 12.11
N ASP D 53 -9.80 12.43 11.29
CA ASP D 53 -9.38 13.46 10.32
C ASP D 53 -8.11 13.09 9.52
N SER D 54 -7.99 11.80 9.18
CA SER D 54 -6.78 11.31 8.54
C SER D 54 -7.09 10.21 7.52
N ASN D 55 -7.74 10.61 6.43
CA ASN D 55 -8.23 9.69 5.40
C ASN D 55 -7.33 9.64 4.16
N SER D 56 -7.55 8.63 3.32
CA SER D 56 -6.75 8.42 2.12
C SER D 56 -7.55 7.69 1.03
N GLU D 57 -7.46 8.20 -0.20
CA GLU D 57 -8.22 7.66 -1.33
C GLU D 57 -7.87 6.21 -1.60
N GLY D 58 -8.89 5.39 -1.83
CA GLY D 58 -8.70 3.98 -2.18
C GLY D 58 -8.37 3.84 -3.66
N ASP D 59 -8.72 2.69 -4.22
CA ASP D 59 -8.45 2.44 -5.63
C ASP D 59 -9.42 3.14 -6.58
N ILE D 60 -10.63 3.41 -6.08
CA ILE D 60 -11.69 4.02 -6.89
C ILE D 60 -12.47 5.12 -6.14
N PRO D 61 -11.79 6.24 -5.83
CA PRO D 61 -12.42 7.30 -5.03
C PRO D 61 -13.41 8.20 -5.77
N LYS D 62 -13.33 8.26 -7.11
CA LYS D 62 -14.16 9.17 -7.92
C LYS D 62 -15.64 9.09 -7.57
N GLY D 63 -16.26 10.23 -7.32
CA GLY D 63 -17.68 10.29 -6.96
C GLY D 63 -17.96 10.08 -5.48
N TYR D 64 -16.93 9.77 -4.70
CA TYR D 64 -17.08 9.51 -3.26
C TYR D 64 -16.21 10.42 -2.42
N ARG D 65 -16.80 11.05 -1.41
CA ARG D 65 -16.01 11.60 -0.31
C ARG D 65 -16.35 10.91 1.02
N VAL D 66 -15.63 11.24 2.07
CA VAL D 66 -15.66 10.47 3.30
C VAL D 66 -15.44 11.38 4.52
N SER D 67 -15.85 10.92 5.70
CA SER D 67 -15.69 11.69 6.94
C SER D 67 -15.40 10.81 8.14
N ARG D 68 -14.63 11.35 9.09
CA ARG D 68 -14.26 10.64 10.31
C ARG D 68 -13.82 11.64 11.37
N LYS D 69 -14.80 12.19 12.10
CA LYS D 69 -14.56 13.18 13.14
C LYS D 69 -14.54 12.52 14.51
N LYS D 70 -14.95 11.25 14.53
CA LYS D 70 -14.92 10.41 15.72
C LYS D 70 -14.34 9.06 15.34
N ARG D 71 -13.62 8.44 16.26
CA ARG D 71 -12.94 7.15 16.01
C ARG D 71 -13.94 6.02 15.75
N GLU D 72 -15.11 6.11 16.38
CA GLU D 72 -16.14 5.05 16.32
C GLU D 72 -16.94 5.04 15.03
N HIS D 73 -16.94 6.14 14.29
CA HIS D 73 -17.73 6.26 13.05
C HIS D 73 -16.89 6.55 11.81
N PHE D 74 -17.45 6.21 10.64
CA PHE D 74 -16.79 6.45 9.36
C PHE D 74 -17.84 6.56 8.27
N SER D 75 -18.18 7.80 7.91
CA SER D 75 -19.26 8.06 6.96
C SER D 75 -18.79 8.17 5.51
N LEU D 76 -19.47 7.45 4.62
CA LEU D 76 -19.26 7.56 3.18
C LEU D 76 -20.36 8.45 2.57
N ILE D 77 -19.94 9.50 1.87
CA ILE D 77 -20.86 10.47 1.29
C ILE D 77 -20.77 10.50 -0.23
N LEU D 78 -21.90 10.36 -0.91
CA LEU D 78 -21.98 10.54 -2.36
C LEU D 78 -22.72 11.85 -2.63
N ASP D 79 -22.01 12.85 -3.15
CA ASP D 79 -22.57 14.20 -3.31
C ASP D 79 -23.69 14.27 -4.34
N SER D 80 -23.50 13.60 -5.48
CA SER D 80 -24.60 13.40 -6.43
C SER D 80 -24.49 11.99 -6.99
N ALA D 81 -25.51 11.18 -6.70
CA ALA D 81 -25.47 9.75 -7.00
C ALA D 81 -25.65 9.48 -8.48
N LYS D 82 -24.88 8.52 -8.98
CA LYS D 82 -24.95 8.06 -10.36
C LYS D 82 -25.41 6.62 -10.41
N THR D 83 -26.06 6.22 -11.50
CA THR D 83 -26.60 4.87 -11.61
C THR D 83 -25.53 3.79 -11.47
N ASN D 84 -24.30 4.10 -11.88
CA ASN D 84 -23.18 3.17 -11.71
C ASN D 84 -22.67 3.08 -10.28
N GLN D 85 -23.21 3.94 -9.40
CA GLN D 85 -22.92 3.84 -7.97
C GLN D 85 -23.89 2.91 -7.24
N THR D 86 -24.69 2.17 -8.02
CA THR D 86 -25.52 1.09 -7.51
C THR D 86 -24.62 -0.10 -7.20
N SER D 87 -24.52 -0.46 -5.93
CA SER D 87 -23.71 -1.59 -5.47
C SER D 87 -24.04 -1.94 -4.02
N VAL D 88 -23.37 -2.96 -3.49
CA VAL D 88 -23.44 -3.28 -2.07
C VAL D 88 -22.21 -2.68 -1.42
N TYR D 89 -22.42 -1.89 -0.38
CA TYR D 89 -21.31 -1.21 0.30
C TYR D 89 -20.99 -1.85 1.64
N PHE D 90 -19.71 -2.15 1.86
CA PHE D 90 -19.25 -2.77 3.10
C PHE D 90 -18.29 -1.87 3.84
N CYS D 91 -18.52 -1.77 5.15
CA CYS D 91 -17.59 -1.12 6.06
C CYS D 91 -16.64 -2.17 6.62
N ALA D 92 -15.52 -1.72 7.17
CA ALA D 92 -14.57 -2.62 7.82
C ALA D 92 -13.63 -1.88 8.77
N SER D 93 -13.11 -2.59 9.76
CA SER D 93 -12.19 -2.00 10.72
C SER D 93 -11.12 -2.99 11.11
N SER D 94 -10.03 -2.48 11.69
CA SER D 94 -8.94 -3.29 12.21
C SER D 94 -8.00 -2.45 13.06
N SER D 95 -7.07 -3.11 13.75
CA SER D 95 -6.01 -2.39 14.44
C SER D 95 -5.01 -1.86 13.40
N THR D 96 -4.06 -1.02 13.82
CA THR D 96 -3.05 -0.50 12.90
C THR D 96 -2.05 -1.57 12.45
N GLY D 97 -2.02 -2.68 13.19
CA GLY D 97 -1.12 -3.80 12.90
C GLY D 97 -1.73 -4.84 11.98
N LEU D 98 -1.45 -6.10 12.29
CA LEU D 98 -1.79 -7.23 11.44
C LEU D 98 -2.97 -8.05 11.99
N ASP D 99 -3.69 -7.49 12.95
CA ASP D 99 -4.83 -8.17 13.58
C ASP D 99 -5.99 -8.46 12.61
N THR D 100 -7.02 -9.10 13.14
CA THR D 100 -8.21 -9.45 12.38
C THR D 100 -8.83 -8.22 11.70
N GLN D 101 -9.38 -8.41 10.51
CA GLN D 101 -10.21 -7.40 9.87
C GLN D 101 -11.69 -7.79 10.06
N TYR D 102 -12.48 -6.86 10.60
CA TYR D 102 -13.90 -7.09 10.84
C TYR D 102 -14.77 -6.34 9.83
N PHE D 103 -15.72 -7.04 9.21
CA PHE D 103 -16.61 -6.43 8.24
C PHE D 103 -18.03 -6.22 8.77
N GLY D 104 -18.70 -5.18 8.28
CA GLY D 104 -20.10 -4.93 8.56
C GLY D 104 -21.00 -5.72 7.63
N PRO D 105 -22.32 -5.67 7.85
CA PRO D 105 -23.26 -6.51 7.11
C PRO D 105 -23.56 -6.02 5.68
N GLY D 106 -23.29 -4.75 5.41
CA GLY D 106 -23.43 -4.23 4.06
C GLY D 106 -24.61 -3.30 3.88
N THR D 107 -24.58 -2.53 2.80
CA THR D 107 -25.69 -1.65 2.42
C THR D 107 -25.98 -1.78 0.94
N ARG D 108 -27.15 -2.33 0.61
CA ARG D 108 -27.57 -2.42 -0.78
C ARG D 108 -28.11 -1.06 -1.22
N LEU D 109 -27.33 -0.38 -2.04
CA LEU D 109 -27.73 0.89 -2.60
C LEU D 109 -28.15 0.74 -4.06
N LEU D 110 -29.38 1.16 -4.35
CA LEU D 110 -29.89 1.26 -5.72
C LEU D 110 -30.14 2.72 -6.07
N VAL D 111 -29.56 3.15 -7.19
CA VAL D 111 -29.74 4.50 -7.73
C VAL D 111 -30.46 4.42 -9.07
N LEU D 112 -31.53 5.18 -9.20
CA LEU D 112 -32.39 5.08 -10.37
C LEU D 112 -32.56 6.38 -11.13
N GLU D 113 -32.78 6.25 -12.44
CA GLU D 113 -33.12 7.38 -13.30
C GLU D 113 -34.43 7.99 -12.80
N ASP D 114 -35.46 7.14 -12.70
CA ASP D 114 -36.74 7.52 -12.10
C ASP D 114 -37.26 6.37 -11.22
N LEU D 115 -38.42 6.56 -10.61
CA LEU D 115 -38.92 5.60 -9.63
C LEU D 115 -40.11 4.76 -10.11
N LYS D 116 -40.54 4.99 -11.35
CA LYS D 116 -41.67 4.27 -11.96
C LYS D 116 -41.46 2.75 -12.07
N VAL D 118 -40.10 0.81 -9.70
CA VAL D 118 -40.26 0.43 -8.29
C VAL D 118 -41.70 0.00 -8.00
N PHE D 119 -41.85 -1.24 -7.54
CA PHE D 119 -43.16 -1.84 -7.25
C PHE D 119 -43.10 -2.67 -5.97
N PRO D 120 -44.22 -2.70 -5.20
CA PRO D 120 -44.28 -3.58 -4.04
C PRO D 120 -44.52 -5.03 -4.46
N PRO D 121 -44.33 -5.99 -3.55
CA PRO D 121 -44.62 -7.36 -3.92
C PRO D 121 -46.11 -7.70 -3.80
N GLU D 122 -46.56 -8.65 -4.62
CA GLU D 122 -47.84 -9.32 -4.44
C GLU D 122 -47.54 -10.70 -3.89
N VAL D 123 -48.21 -11.06 -2.79
CA VAL D 123 -47.96 -12.33 -2.11
C VAL D 123 -49.17 -13.26 -2.26
N ALA D 124 -48.87 -14.54 -2.44
CA ALA D 124 -49.89 -15.59 -2.46
C ALA D 124 -49.36 -16.83 -1.75
N VAL D 125 -50.26 -17.54 -1.06
CA VAL D 125 -49.94 -18.82 -0.41
C VAL D 125 -50.62 -19.96 -1.17
N PHE D 126 -49.89 -21.02 -1.41
CA PHE D 126 -50.44 -22.17 -2.12
C PHE D 126 -50.57 -23.33 -1.13
N GLU D 127 -51.74 -23.94 -1.10
CA GLU D 127 -52.07 -24.93 -0.08
C GLU D 127 -51.59 -26.32 -0.48
N PRO D 128 -51.10 -27.09 0.52
CA PRO D 128 -50.54 -28.44 0.32
C PRO D 128 -51.38 -29.30 -0.62
N SER D 129 -50.70 -29.96 -1.55
CA SER D 129 -51.34 -30.93 -2.43
C SER D 129 -51.88 -32.08 -1.61
N GLU D 130 -53.08 -32.53 -1.95
CA GLU D 130 -53.72 -33.65 -1.26
C GLU D 130 -52.95 -34.94 -1.54
N ALA D 131 -52.41 -35.05 -2.75
CA ALA D 131 -51.55 -36.17 -3.15
C ALA D 131 -50.27 -36.26 -2.32
N GLU D 132 -49.71 -35.11 -1.95
CA GLU D 132 -48.51 -35.07 -1.12
C GLU D 132 -48.84 -35.46 0.31
N ILE D 133 -50.03 -35.09 0.76
CA ILE D 133 -50.49 -35.43 2.11
C ILE D 133 -50.69 -36.94 2.23
N SER D 134 -51.30 -37.54 1.22
CA SER D 134 -51.52 -38.98 1.20
C SER D 134 -50.23 -39.77 1.10
N HIS D 135 -49.33 -39.32 0.22
CA HIS D 135 -48.13 -40.07 -0.12
C HIS D 135 -47.02 -39.98 0.93
N THR D 136 -46.84 -38.79 1.49
CA THR D 136 -45.65 -38.50 2.30
C THR D 136 -45.95 -38.20 3.77
N GLN D 137 -47.23 -38.02 4.10
CA GLN D 137 -47.67 -37.66 5.45
C GLN D 137 -47.09 -36.32 5.88
N LYS D 138 -46.70 -35.54 4.87
CA LYS D 138 -46.17 -34.20 5.05
C LYS D 138 -46.96 -33.24 4.16
N ALA D 139 -46.97 -31.97 4.53
CA ALA D 139 -47.70 -30.95 3.80
C ALA D 139 -46.86 -29.72 3.57
N THR D 140 -46.72 -29.33 2.31
CA THR D 140 -45.88 -28.18 1.93
C THR D 140 -46.70 -26.96 1.49
N LEU D 141 -46.59 -25.88 2.24
CA LEU D 141 -47.14 -24.60 1.82
C LEU D 141 -46.07 -23.85 1.04
N VAL D 142 -46.45 -23.36 -0.15
CA VAL D 142 -45.55 -22.55 -0.97
C VAL D 142 -45.98 -21.10 -0.99
N CYS D 143 -45.04 -20.21 -0.68
CA CYS D 143 -45.27 -18.77 -0.79
C CYS D 143 -44.68 -18.19 -2.06
N LEU D 144 -45.35 -17.18 -2.61
CA LEU D 144 -44.93 -16.60 -3.87
C LEU D 144 -45.05 -15.08 -3.86
N ALA D 145 -43.89 -14.41 -3.85
CA ALA D 145 -43.82 -12.96 -3.98
C ALA D 145 -43.51 -12.59 -5.43
N THR D 146 -44.42 -11.90 -6.09
CA THR D 146 -44.23 -11.55 -7.49
C THR D 146 -44.22 -10.04 -7.74
N GLY D 147 -43.70 -9.65 -8.91
CA GLY D 147 -43.74 -8.28 -9.42
C GLY D 147 -43.20 -7.19 -8.53
N PHE D 148 -42.07 -7.44 -7.86
CA PHE D 148 -41.46 -6.41 -7.02
C PHE D 148 -40.14 -5.89 -7.59
N TYR D 149 -39.90 -4.60 -7.41
CA TYR D 149 -38.63 -3.96 -7.76
C TYR D 149 -38.31 -2.87 -6.73
N PRO D 150 -37.07 -2.85 -6.22
CA PRO D 150 -36.02 -3.82 -6.47
C PRO D 150 -36.20 -5.06 -5.60
N ASP D 151 -35.26 -6.01 -5.69
CA ASP D 151 -35.28 -7.20 -4.84
C ASP D 151 -34.76 -6.90 -3.44
N HIS D 152 -35.32 -5.86 -2.82
CA HIS D 152 -34.99 -5.46 -1.46
C HIS D 152 -36.07 -5.98 -0.52
N VAL D 153 -36.10 -7.30 -0.35
CA VAL D 153 -37.17 -7.97 0.41
C VAL D 153 -36.66 -8.95 1.48
N GLU D 154 -37.45 -9.12 2.54
CA GLU D 154 -37.17 -10.11 3.58
C GLU D 154 -38.42 -10.93 3.79
N LEU D 155 -38.30 -12.24 3.59
CA LEU D 155 -39.46 -13.14 3.66
C LEU D 155 -39.44 -14.04 4.90
N SER D 156 -40.58 -14.10 5.59
CA SER D 156 -40.69 -14.90 6.81
C SER D 156 -42.04 -15.62 6.94
N TRP D 157 -41.99 -16.83 7.49
CA TRP D 157 -43.19 -17.63 7.74
C TRP D 157 -43.67 -17.47 9.17
N TRP D 158 -44.94 -17.14 9.32
CA TRP D 158 -45.57 -16.97 10.63
C TRP D 158 -46.67 -18.01 10.82
N VAL D 159 -46.52 -18.80 11.88
CA VAL D 159 -47.49 -19.85 12.23
C VAL D 159 -48.03 -19.56 13.63
N ASN D 160 -49.34 -19.40 13.74
CA ASN D 160 -50.02 -19.07 15.00
C ASN D 160 -49.49 -17.80 15.68
N GLY D 161 -49.04 -16.85 14.87
CA GLY D 161 -48.55 -15.56 15.37
C GLY D 161 -47.10 -15.55 15.81
N LYS D 162 -46.45 -16.72 15.79
CA LYS D 162 -45.01 -16.81 16.04
C LYS D 162 -44.31 -17.11 14.73
N GLU D 163 -43.07 -16.64 14.60
CA GLU D 163 -42.27 -16.92 13.41
C GLU D 163 -41.63 -18.31 13.55
N VAL D 164 -41.61 -19.04 12.45
CA VAL D 164 -41.04 -20.38 12.43
C VAL D 164 -39.84 -20.44 11.48
N HIS D 165 -38.88 -21.32 11.80
CA HIS D 165 -37.69 -21.49 10.97
C HIS D 165 -37.51 -22.93 10.52
N SER D 166 -37.84 -23.88 11.38
CA SER D 166 -37.85 -25.28 11.00
C SER D 166 -38.85 -25.50 9.86
N GLY D 167 -38.43 -26.29 8.86
CA GLY D 167 -39.28 -26.61 7.73
C GLY D 167 -39.40 -25.52 6.68
N VAL D 168 -38.71 -24.40 6.92
CA VAL D 168 -38.70 -23.28 5.99
C VAL D 168 -37.47 -23.33 5.09
N CYS D 169 -37.66 -22.98 3.82
CA CYS D 169 -36.55 -22.61 2.94
C CYS D 169 -37.02 -21.61 1.89
N THR D 170 -36.38 -20.45 1.90
CA THR D 170 -36.63 -19.40 0.93
C THR D 170 -35.57 -19.49 -0.15
N ASP D 171 -35.94 -19.18 -1.40
CA ASP D 171 -34.98 -19.09 -2.50
C ASP D 171 -33.81 -18.18 -2.13
N PRO D 172 -32.59 -18.60 -2.46
CA PRO D 172 -31.40 -17.78 -2.21
C PRO D 172 -31.36 -16.52 -3.09
N GLN D 173 -31.68 -16.66 -4.36
CA GLN D 173 -31.72 -15.54 -5.28
C GLN D 173 -33.15 -15.31 -5.77
N PRO D 174 -33.53 -14.05 -6.04
CA PRO D 174 -34.79 -13.80 -6.74
C PRO D 174 -34.70 -14.24 -8.20
N LEU D 175 -35.84 -14.26 -8.87
CA LEU D 175 -35.90 -14.67 -10.26
C LEU D 175 -36.30 -13.45 -11.07
N LYS D 176 -35.73 -13.30 -12.25
CA LYS D 176 -36.12 -12.21 -13.13
C LYS D 176 -37.34 -12.60 -13.94
N GLU D 177 -38.43 -11.86 -13.75
CA GLU D 177 -39.67 -12.09 -14.50
C GLU D 177 -39.45 -11.82 -16.00
N GLN D 178 -38.62 -10.84 -16.29
CA GLN D 178 -38.21 -10.51 -17.66
C GLN D 178 -36.68 -10.52 -17.73
N PRO D 179 -36.07 -11.71 -17.88
CA PRO D 179 -34.61 -11.84 -17.90
C PRO D 179 -33.89 -10.86 -18.85
N ALA D 180 -34.50 -10.57 -19.99
CA ALA D 180 -33.91 -9.65 -20.98
C ALA D 180 -33.79 -8.19 -20.48
N LEU D 181 -34.82 -7.68 -19.81
CA LEU D 181 -34.84 -6.30 -19.32
C LEU D 181 -33.98 -6.07 -18.08
N ASN D 182 -33.33 -4.91 -18.03
CA ASN D 182 -32.45 -4.53 -16.91
C ASN D 182 -33.22 -3.91 -15.73
N ASP D 183 -34.44 -3.46 -15.99
CA ASP D 183 -35.31 -2.92 -14.95
C ASP D 183 -36.39 -3.95 -14.55
N SER D 184 -36.21 -5.18 -14.99
CA SER D 184 -37.15 -6.28 -14.76
C SER D 184 -37.51 -6.47 -13.30
N ARG D 185 -38.80 -6.73 -13.07
CA ARG D 185 -39.31 -7.00 -11.75
C ARG D 185 -38.94 -8.41 -11.31
N TYR D 186 -39.00 -8.66 -10.01
CA TYR D 186 -38.51 -9.91 -9.43
C TYR D 186 -39.61 -10.77 -8.83
N ALA D 187 -39.37 -12.07 -8.79
CA ALA D 187 -40.24 -13.02 -8.10
C ALA D 187 -39.40 -13.85 -7.13
N LEU D 188 -40.00 -14.21 -6.00
CA LEU D 188 -39.32 -14.99 -4.98
C LEU D 188 -40.28 -16.00 -4.36
N SER D 189 -39.83 -17.26 -4.25
CA SER D 189 -40.65 -18.29 -3.62
C SER D 189 -40.04 -18.83 -2.33
N SER D 190 -40.93 -19.24 -1.43
CA SER D 190 -40.55 -19.82 -0.17
C SER D 190 -41.45 -21.01 0.14
N ARG D 191 -40.94 -21.94 0.95
CA ARG D 191 -41.64 -23.17 1.27
C ARG D 191 -41.62 -23.48 2.75
N LEU D 192 -42.79 -23.77 3.31
CA LEU D 192 -42.90 -24.26 4.68
C LEU D 192 -43.52 -25.67 4.66
N ARG D 193 -42.84 -26.61 5.30
CA ARG D 193 -43.30 -28.00 5.33
C ARG D 193 -43.62 -28.47 6.75
N VAL D 194 -44.89 -28.86 6.95
CA VAL D 194 -45.36 -29.38 8.23
C VAL D 194 -45.83 -30.83 8.09
N SER D 195 -46.14 -31.47 9.23
CA SER D 195 -46.72 -32.81 9.25
C SER D 195 -48.20 -32.75 8.85
N ALA D 196 -48.66 -33.78 8.15
CA ALA D 196 -50.03 -33.82 7.64
C ALA D 196 -51.06 -33.53 8.73
N THR D 197 -50.83 -34.07 9.93
CA THR D 197 -51.75 -33.87 11.05
C THR D 197 -51.81 -32.40 11.45
N PHE D 198 -50.66 -31.74 11.44
CA PHE D 198 -50.58 -30.31 11.79
C PHE D 198 -51.37 -29.43 10.81
N TRP D 199 -51.24 -29.71 9.51
CA TRP D 199 -52.03 -29.03 8.50
C TRP D 199 -53.52 -29.39 8.61
N GLN D 200 -53.80 -30.65 8.92
CA GLN D 200 -55.19 -31.12 9.01
C GLN D 200 -55.97 -30.51 10.17
N ASN D 201 -55.25 -29.89 11.09
CA ASN D 201 -55.84 -29.15 12.21
C ASN D 201 -56.35 -27.78 11.78
N PRO D 202 -57.67 -27.55 11.90
CA PRO D 202 -58.33 -26.32 11.45
C PRO D 202 -57.98 -25.08 12.27
N ARG D 203 -57.51 -25.30 13.50
CA ARG D 203 -57.15 -24.21 14.40
C ARG D 203 -55.83 -23.53 14.02
N ASN D 204 -55.03 -24.19 13.18
CA ASN D 204 -53.72 -23.68 12.78
C ASN D 204 -53.74 -22.60 11.70
N HIS D 205 -53.13 -21.45 12.02
CA HIS D 205 -53.07 -20.31 11.12
C HIS D 205 -51.67 -20.20 10.51
N PHE D 206 -51.60 -20.16 9.19
CA PHE D 206 -50.33 -20.03 8.48
C PHE D 206 -50.26 -18.71 7.73
N ARG D 207 -49.15 -18.00 7.89
CA ARG D 207 -49.00 -16.69 7.25
C ARG D 207 -47.63 -16.50 6.61
N CYS D 208 -47.63 -16.17 5.33
CA CYS D 208 -46.41 -15.78 4.63
C CYS D 208 -46.29 -14.26 4.59
N GLN D 209 -45.18 -13.75 5.12
CA GLN D 209 -44.95 -12.32 5.23
C GLN D 209 -43.71 -11.89 4.45
N VAL D 210 -43.89 -10.87 3.60
CA VAL D 210 -42.77 -10.26 2.87
C VAL D 210 -42.59 -8.79 3.28
N GLN D 211 -41.50 -8.53 4.02
CA GLN D 211 -41.10 -7.16 4.32
C GLN D 211 -40.44 -6.58 3.07
N PHE D 212 -40.93 -5.41 2.65
CA PHE D 212 -40.45 -4.79 1.44
C PHE D 212 -39.92 -3.39 1.72
N TYR D 213 -38.64 -3.20 1.41
CA TYR D 213 -37.98 -1.91 1.64
C TYR D 213 -38.02 -1.11 0.35
N GLY D 214 -38.76 -0.01 0.38
CA GLY D 214 -38.98 0.79 -0.80
C GLY D 214 -38.80 2.26 -0.50
N LEU D 215 -39.68 3.07 -1.08
CA LEU D 215 -39.59 4.53 -1.01
C LEU D 215 -39.92 5.09 0.37
N SER D 216 -39.17 6.10 0.78
CA SER D 216 -39.48 6.85 1.99
C SER D 216 -40.59 7.86 1.68
N GLU D 217 -41.30 8.32 2.70
CA GLU D 217 -42.39 9.28 2.51
C GLU D 217 -41.94 10.69 2.09
N ASN D 218 -40.63 10.92 2.11
CA ASN D 218 -40.05 12.17 1.60
C ASN D 218 -39.65 12.12 0.12
N ASP D 219 -39.81 10.96 -0.51
CA ASP D 219 -39.55 10.79 -1.93
C ASP D 219 -40.68 11.38 -2.76
N GLU D 220 -40.35 11.91 -3.93
CA GLU D 220 -41.35 12.47 -4.83
C GLU D 220 -42.12 11.39 -5.58
N TRP D 221 -43.44 11.57 -5.68
CA TRP D 221 -44.30 10.59 -6.32
C TRP D 221 -45.59 11.20 -6.84
N THR D 222 -45.79 11.12 -8.15
CA THR D 222 -47.06 11.52 -8.78
C THR D 222 -47.44 10.52 -9.86
N GLN D 223 -48.08 9.44 -9.43
CA GLN D 223 -48.61 8.40 -10.32
C GLN D 223 -49.99 8.00 -9.79
N ASP D 224 -50.87 7.57 -10.69
CA ASP D 224 -52.21 7.09 -10.31
C ASP D 224 -52.10 6.03 -9.22
N ARG D 225 -51.25 5.03 -9.47
CA ARG D 225 -50.94 3.98 -8.50
C ARG D 225 -50.41 4.56 -7.18
N ALA D 226 -50.57 3.81 -6.10
CA ALA D 226 -50.15 4.26 -4.78
C ALA D 226 -48.62 4.25 -4.62
N LYS D 227 -48.13 5.11 -3.74
CA LYS D 227 -46.72 5.21 -3.39
C LYS D 227 -46.17 3.87 -2.91
N PRO D 228 -45.15 3.33 -3.60
CA PRO D 228 -44.55 2.05 -3.21
C PRO D 228 -43.62 2.19 -2.01
N VAL D 229 -44.19 2.57 -0.88
CA VAL D 229 -43.44 2.79 0.37
C VAL D 229 -42.92 1.49 0.98
N THR D 230 -42.15 1.62 2.06
CA THR D 230 -41.73 0.47 2.87
C THR D 230 -42.93 -0.08 3.62
N GLN D 231 -43.18 -1.37 3.44
CA GLN D 231 -44.42 -2.00 3.90
C GLN D 231 -44.26 -3.52 4.04
N ILE D 232 -45.17 -4.13 4.81
CA ILE D 232 -45.32 -5.58 4.85
C ILE D 232 -46.51 -5.99 3.98
N VAL D 233 -46.28 -6.94 3.08
CA VAL D 233 -47.36 -7.56 2.32
C VAL D 233 -47.43 -9.03 2.74
N SER D 234 -48.63 -9.46 3.14
CA SER D 234 -48.83 -10.80 3.67
C SER D 234 -49.84 -11.62 2.88
N ALA D 235 -49.80 -12.92 3.09
CA ALA D 235 -50.82 -13.85 2.59
C ALA D 235 -51.02 -14.97 3.62
N GLU D 236 -52.28 -15.34 3.83
CA GLU D 236 -52.60 -16.34 4.86
C GLU D 236 -53.40 -17.55 4.33
N ALA D 237 -53.34 -18.64 5.10
CA ALA D 237 -54.13 -19.84 4.85
C ALA D 237 -54.41 -20.55 6.18
N TRP D 238 -55.61 -21.10 6.32
CA TRP D 238 -55.97 -21.88 7.49
C TRP D 238 -55.80 -23.37 7.19
N GLY D 239 -55.54 -24.15 8.22
CA GLY D 239 -55.51 -25.61 8.12
C GLY D 239 -56.90 -26.19 7.86
N ARG D 240 -56.95 -27.43 7.39
CA ARG D 240 -58.20 -28.05 6.93
C ARG D 240 -58.40 -29.48 7.42
N ALA D 241 -59.57 -29.72 8.01
CA ALA D 241 -60.00 -31.06 8.39
C ALA D 241 -60.72 -31.75 7.24
N ASP D 242 -61.70 -31.05 6.65
CA ASP D 242 -62.53 -31.49 5.50
C ASP D 242 -63.73 -32.36 5.86
C1 NAG E . 19.69 -5.89 17.75
C2 NAG E . 18.83 -7.04 18.27
C3 NAG E . 17.71 -6.58 19.22
C4 NAG E . 18.09 -5.47 20.20
C5 NAG E . 19.08 -4.48 19.56
C6 NAG E . 19.77 -3.57 20.57
C7 NAG E . 18.70 -8.96 16.72
C8 NAG E . 19.69 -9.74 17.54
N2 NAG E . 18.24 -7.79 17.18
O3 NAG E . 17.21 -7.69 19.94
O4 NAG E . 16.84 -4.85 20.45
O5 NAG E . 20.11 -5.13 18.86
O6 NAG E . 20.53 -2.61 19.86
O7 NAG E . 18.31 -9.42 15.64
C1 NAG E . 16.44 -4.57 21.82
C2 NAG E . 15.97 -5.75 22.67
C3 NAG E . 15.27 -5.21 23.93
C4 NAG E . 15.91 -3.95 24.54
C5 NAG E . 16.46 -3.01 23.46
C6 NAG E . 17.25 -1.83 23.99
C7 NAG E . 14.76 -7.81 22.13
C8 NAG E . 13.42 -8.16 22.69
N2 NAG E . 15.01 -6.52 21.91
O3 NAG E . 15.21 -6.22 24.91
O4 NAG E . 14.93 -3.28 25.31
O5 NAG E . 17.28 -3.74 22.58
O6 NAG E . 17.31 -0.86 22.96
O7 NAG E . 15.58 -8.69 21.86
C1 NAG F . 4.96 18.42 -9.73
C2 NAG F . 4.34 19.30 -10.81
C3 NAG F . 5.11 19.20 -12.13
C4 NAG F . 6.55 19.67 -11.92
C5 NAG F . 7.19 18.99 -10.70
C6 NAG F . 7.76 20.02 -9.73
C7 NAG F . 1.98 19.80 -10.57
C8 NAG F . 1.69 21.04 -11.38
N2 NAG F . 2.94 18.98 -11.00
O3 NAG F . 4.51 20.01 -13.11
O4 NAG F . 7.30 19.42 -13.08
O5 NAG F . 6.31 18.06 -10.04
O6 NAG F . 9.17 19.88 -9.64
O7 NAG F . 1.33 19.57 -9.54
C1 NAG G . 12.61 7.54 -10.19
C2 NAG G . 11.71 8.37 -11.11
C3 NAG G . 10.30 7.79 -11.17
C4 NAG G . 10.36 6.32 -11.57
C5 NAG G . 11.29 5.57 -10.61
C6 NAG G . 11.43 4.09 -10.98
C7 NAG G . 11.99 10.73 -11.54
C8 NAG G . 11.29 12.05 -11.37
N2 NAG G . 11.68 9.75 -10.68
O3 NAG G . 9.54 8.54 -12.10
O4 NAG G . 9.06 5.75 -11.61
O5 NAG G . 12.57 6.17 -10.59
O6 NAG G . 12.68 3.88 -11.61
O7 NAG G . 12.81 10.58 -12.44
C1 AGH H . 8.41 -3.29 2.61
C2 AGH H . 9.14 -2.07 3.18
C3 AGH H . 8.20 -1.20 4.01
C4 AGH H . 8.85 -0.03 4.77
C5 AGH H . 9.91 0.75 3.98
C6 AGH H . 10.25 2.11 4.61
O3 AGH H . 7.18 -0.69 3.14
C18 AGH H . 6.28 12.05 6.52
C17 AGH H . 6.90 10.86 7.23
C16 AGH H . 7.93 11.30 8.27
C15 AGH H . 9.28 10.62 8.02
C14 AGH H . 9.39 9.32 8.82
C13 AGH H . 9.97 8.22 7.95
C12 AGH H . 11.14 7.56 8.66
C11 AGH H . 11.07 6.04 8.60
C10 AGH H . 11.73 5.50 7.33
C9 AGH H . 10.92 4.32 6.79
C8 AGH H . 11.83 3.25 6.20
C7 AGH H . 11.06 1.97 5.89
O4 AGH H . 7.82 0.89 5.17
O1A AGH H . 8.00 -4.15 3.68
C1A AGH H . 7.05 -5.13 3.26
O6A AGH H . 7.70 -6.25 2.65
C5M AGH H . 8.60 -7.00 3.49
C6A AGH H . 9.09 -8.23 2.73
O5A AGH H . 9.57 -7.82 1.44
C4A AGH H . 7.96 -7.39 4.83
O4A AGH H . 7.07 -8.50 4.68
C3A AGH H . 7.24 -6.20 5.47
O3A AGH H . 6.54 -6.59 6.66
C2A AGH H . 6.25 -5.59 4.48
O2A AGH H . 5.58 -4.50 5.09
N2 AGH H . 10.23 -2.55 4.04
CAA AGH H . 11.34 -3.14 3.58
OAA AGH H . 11.55 -3.36 2.39
CAB AGH H . 12.35 -3.54 4.63
CAC AGH H . 13.68 -2.83 4.35
CAD AGH H . 14.13 -1.98 5.52
CAE AGH H . 14.50 -0.56 5.07
CAF AGH H . 16.00 -0.29 5.18
CAG AGH H . 16.30 1.21 5.13
CAH AGH H . 17.79 1.51 5.28
CAI AGH H . 18.20 2.76 4.51
CAJ AGH H . 19.54 2.54 3.80
CAK AGH H . 19.83 3.63 2.77
CAL AGH H . 19.84 3.08 1.34
CAM AGH H . 21.18 2.40 1.01
CAN AGH H . 21.48 2.43 -0.48
CAO AGH H . 21.76 1.03 -1.02
CAP AGH H . 23.24 0.69 -1.00
CAQ AGH H . 23.49 -0.61 -0.27
CAR AGH H . 24.98 -0.83 -0.02
CAS AGH H . 25.25 -2.26 0.43
CAT AGH H . 25.50 -2.34 1.94
CAU AGH H . 24.28 -2.92 2.67
CAV AGH H . 24.63 -3.46 4.06
CAW AGH H . 24.50 -2.38 5.14
CAX AGH H . 23.10 -2.27 5.73
CAY AGH H . 22.91 -0.95 6.46
CAZ AGH H . 21.49 -0.44 6.35
#